data_1S07
#
_entry.id   1S07
#
_cell.length_a   58.080
_cell.length_b   56.527
_cell.length_c   120.993
_cell.angle_alpha   90.00
_cell.angle_beta   96.32
_cell.angle_gamma   90.00
#
_symmetry.space_group_name_H-M   'P 1 21 1'
#
loop_
_entity.id
_entity.type
_entity.pdbx_description
1 polymer 'Adenosylmethionine-8-amino-7-oxononanoate aminotransferase'
2 non-polymer 'SODIUM ION'
3 non-polymer "PYRIDOXAL-5'-PHOSPHATE"
4 non-polymer 'ISOPROPYL ALCOHOL'
5 water water
#
_entity_poly.entity_id   1
_entity_poly.type   'polypeptide(L)'
_entity_poly.pdbx_seq_one_letter_code
;MTTDDLAFDQRHILHPYTSMTSPLPVYPVVSAEGCELILSDGRRLVDGMSSWWAAIHGYNHPQLNAAMKSQIDAMSHVMF
GGITHAPAIELCRKLVAMTPQPLECVFLADSGSVAVEVAMKMALQYWQAKGEARQRFLTFRNGYHGDTFGAMSVCDPDNS
MHSLWKGYLPENLFAPAPQSRMDGEWDERDMVGFARLMAAHRHEIAAVIIEPIVQGAGGMRMYHPEWLKRIRKICDREGI
LLIADEIATGFGATGKLFACEHAEIAPDILCLGKALTGGTMTLSATLTTREVAETISNGEAGCFMHGPTFMGNPLACAAA
NASLAILESGDWQQQVADIEVQLREQLAPARDAEMVADVRVLGAIGVVETTHPVNMAALQKFFVEQGVWIRPFGKLIYLM
PPYIILPQQLQRLTAAVNRAVQDETFFCQ
;
_entity_poly.pdbx_strand_id   A,B
#
loop_
_chem_comp.id
_chem_comp.type
_chem_comp.name
_chem_comp.formula
IPA non-polymer 'ISOPROPYL ALCOHOL' 'C3 H8 O'
NA non-polymer 'SODIUM ION' 'Na 1'
PLP non-polymer PYRIDOXAL-5'-PHOSPHATE 'C8 H10 N O6 P'
#
# COMPACT_ATOMS: atom_id res chain seq x y z
N MET A 1 8.83 20.67 -18.33
CA MET A 1 9.97 19.81 -17.85
C MET A 1 11.26 20.09 -18.61
N THR A 2 12.27 20.56 -17.90
CA THR A 2 13.58 20.70 -18.46
C THR A 2 14.51 19.48 -18.43
N THR A 3 15.60 19.62 -19.18
CA THR A 3 16.59 18.56 -19.28
C THR A 3 17.21 18.34 -17.91
N ASP A 4 17.20 19.38 -17.10
CA ASP A 4 17.77 19.30 -15.77
C ASP A 4 16.81 18.54 -14.84
N ASP A 5 15.52 18.65 -15.14
CA ASP A 5 14.54 17.86 -14.43
C ASP A 5 14.77 16.41 -14.77
N LEU A 6 15.07 16.14 -16.04
CA LEU A 6 15.29 14.77 -16.47
C LEU A 6 16.53 14.19 -15.85
N ALA A 7 17.58 15.00 -15.72
CA ALA A 7 18.80 14.50 -15.14
C ALA A 7 18.55 14.14 -13.68
N PHE A 8 17.72 14.94 -13.03
CA PHE A 8 17.43 14.75 -11.62
C PHE A 8 16.72 13.43 -11.44
N ASP A 9 15.72 13.20 -12.28
CA ASP A 9 15.01 11.93 -12.28
C ASP A 9 15.96 10.75 -12.43
N GLN A 10 16.88 10.81 -13.38
CA GLN A 10 17.77 9.67 -13.61
C GLN A 10 18.68 9.40 -12.44
N ARG A 11 19.19 10.45 -11.84
CA ARG A 11 20.18 10.24 -10.78
C ARG A 11 19.59 9.98 -9.40
N HIS A 12 18.36 10.41 -9.19
CA HIS A 12 17.82 10.39 -7.85
C HIS A 12 16.52 9.63 -7.63
N ILE A 13 15.82 9.23 -8.70
CA ILE A 13 14.50 8.61 -8.56
C ILE A 13 14.44 7.17 -9.01
N LEU A 14 14.20 6.25 -8.09
CA LEU A 14 14.10 4.86 -8.46
C LEU A 14 12.81 4.65 -9.23
N HIS A 15 12.81 3.65 -10.10
CA HIS A 15 11.63 3.30 -10.84
C HIS A 15 11.44 1.79 -10.66
N PRO A 16 10.27 1.31 -11.00
CA PRO A 16 9.96 -0.11 -10.83
C PRO A 16 10.99 -1.06 -11.43
N TYR A 17 11.44 -2.00 -10.62
CA TYR A 17 12.30 -3.09 -11.07
C TYR A 17 13.30 -2.71 -12.15
N THR A 18 14.15 -1.73 -11.88
CA THR A 18 15.07 -1.26 -12.89
C THR A 18 16.32 -0.66 -12.23
N SER A 19 17.48 -0.79 -12.87
CA SER A 19 18.76 -0.39 -12.30
C SER A 19 19.00 1.10 -12.07
N MET A 20 19.58 1.41 -10.92
CA MET A 20 19.94 2.79 -10.59
C MET A 20 21.38 3.15 -10.98
N THR A 21 22.20 2.15 -11.27
CA THR A 21 23.57 2.36 -11.75
C THR A 21 23.57 2.30 -13.27
N SER A 22 22.71 1.47 -13.83
CA SER A 22 22.66 1.36 -15.28
C SER A 22 21.24 1.56 -15.77
N PRO A 23 20.68 2.74 -15.54
CA PRO A 23 19.30 2.98 -15.89
C PRO A 23 19.06 3.25 -17.34
N LEU A 24 17.95 2.69 -17.83
CA LEU A 24 17.48 2.86 -19.20
C LEU A 24 16.66 4.13 -19.23
N PRO A 25 16.44 4.67 -20.43
CA PRO A 25 15.69 5.91 -20.64
C PRO A 25 14.24 5.88 -20.26
N VAL A 26 13.77 7.03 -19.79
CA VAL A 26 12.37 7.20 -19.48
C VAL A 26 11.83 8.36 -20.29
N TYR A 27 10.53 8.33 -20.54
CA TYR A 27 9.86 9.37 -21.29
C TYR A 27 8.93 10.23 -20.40
N PRO A 28 9.10 11.52 -20.52
CA PRO A 28 8.33 12.48 -19.74
C PRO A 28 6.96 12.75 -20.28
N VAL A 29 5.96 12.47 -19.46
CA VAL A 29 4.56 12.72 -19.80
C VAL A 29 4.06 13.99 -19.09
N VAL A 30 3.39 14.87 -19.81
CA VAL A 30 2.82 16.09 -19.22
C VAL A 30 1.30 15.96 -19.03
N SER A 31 0.65 15.10 -19.80
CA SER A 31 -0.79 14.90 -19.62
C SER A 31 -1.30 13.73 -20.42
N ALA A 32 -2.56 13.44 -20.25
CA ALA A 32 -3.20 12.35 -20.99
C ALA A 32 -4.70 12.63 -21.19
N GLU A 33 -5.24 12.16 -22.31
CA GLU A 33 -6.65 12.31 -22.65
C GLU A 33 -7.11 11.14 -23.54
N GLY A 34 -8.33 10.69 -23.29
CA GLY A 34 -8.90 9.59 -24.01
C GLY A 34 -7.99 8.39 -23.92
N CYS A 35 -7.42 7.99 -25.04
CA CYS A 35 -6.58 6.81 -25.07
C CYS A 35 -5.11 7.14 -25.32
N GLU A 36 -4.77 8.40 -25.18
CA GLU A 36 -3.44 8.86 -25.52
C GLU A 36 -2.63 9.46 -24.35
N LEU A 37 -1.34 9.28 -24.41
CA LEU A 37 -0.43 9.93 -23.49
C LEU A 37 0.22 11.04 -24.27
N ILE A 38 0.43 12.18 -23.63
CA ILE A 38 1.08 13.28 -24.28
C ILE A 38 2.39 13.62 -23.65
N LEU A 39 3.48 13.39 -24.38
CA LEU A 39 4.83 13.69 -23.89
C LEU A 39 5.14 15.19 -23.89
N SER A 40 6.19 15.56 -23.16
CA SER A 40 6.65 16.94 -23.04
C SER A 40 6.89 17.72 -24.34
N ASP A 41 7.28 17.02 -25.40
CA ASP A 41 7.55 17.66 -26.67
C ASP A 41 6.33 17.70 -27.57
N GLY A 42 5.18 17.29 -27.06
CA GLY A 42 3.93 17.36 -27.80
C GLY A 42 3.51 16.09 -28.52
N ARG A 43 4.38 15.10 -28.62
CA ARG A 43 4.00 13.86 -29.31
C ARG A 43 2.89 13.16 -28.53
N ARG A 44 1.97 12.55 -29.25
CA ARG A 44 0.87 11.83 -28.64
C ARG A 44 1.07 10.34 -28.89
N LEU A 45 0.86 9.52 -27.85
CA LEU A 45 0.95 8.08 -27.99
C LEU A 45 -0.34 7.39 -27.63
N VAL A 46 -0.69 6.37 -28.39
CA VAL A 46 -1.85 5.58 -28.12
C VAL A 46 -1.33 4.61 -27.11
N ASP A 47 -1.96 4.57 -25.95
CA ASP A 47 -1.52 3.69 -24.89
C ASP A 47 -2.12 2.30 -24.98
N GLY A 48 -1.28 1.29 -25.16
CA GLY A 48 -1.78 -0.07 -25.26
C GLY A 48 -1.79 -0.83 -23.93
N MET A 49 -1.10 -0.28 -22.93
CA MET A 49 -1.01 -0.93 -21.64
C MET A 49 -2.01 -0.43 -20.64
N SER A 50 -2.81 0.55 -21.00
CA SER A 50 -3.57 1.29 -20.00
C SER A 50 -4.31 0.45 -18.98
N SER A 51 -5.07 -0.54 -19.44
CA SER A 51 -5.88 -1.38 -18.57
C SER A 51 -5.04 -2.16 -17.55
N TRP A 52 -3.79 -2.44 -17.87
CA TRP A 52 -2.98 -3.23 -16.95
C TRP A 52 -2.53 -2.37 -15.80
N TRP A 53 -2.46 -1.06 -16.02
CA TRP A 53 -2.22 -0.09 -14.96
C TRP A 53 -3.60 0.59 -14.66
N ALA A 54 -4.65 -0.26 -14.72
CA ALA A 54 -5.99 0.05 -14.27
C ALA A 54 -6.79 1.10 -15.00
N ALA A 55 -6.38 1.50 -16.19
CA ALA A 55 -7.09 2.59 -16.86
C ALA A 55 -8.02 2.05 -17.94
N ILE A 56 -9.05 1.32 -17.47
CA ILE A 56 -9.98 0.65 -18.36
C ILE A 56 -10.98 1.57 -19.09
N HIS A 57 -11.13 2.80 -18.61
CA HIS A 57 -11.94 3.80 -19.29
C HIS A 57 -11.07 4.89 -19.87
N GLY A 58 -9.80 4.61 -20.10
CA GLY A 58 -8.93 5.60 -20.70
C GLY A 58 -8.56 6.71 -19.73
N TYR A 59 -7.95 7.79 -20.21
CA TYR A 59 -7.56 8.91 -19.39
C TYR A 59 -8.48 10.14 -19.52
N ASN A 60 -8.40 11.01 -18.52
CA ASN A 60 -9.19 12.24 -18.46
C ASN A 60 -10.63 11.99 -18.82
N HIS A 61 -11.22 11.02 -18.12
CA HIS A 61 -12.61 10.68 -18.34
C HIS A 61 -13.42 11.72 -17.57
N PRO A 62 -14.42 12.31 -18.23
CA PRO A 62 -15.25 13.38 -17.65
C PRO A 62 -15.98 12.99 -16.36
N GLN A 63 -16.58 11.79 -16.34
CA GLN A 63 -17.31 11.27 -15.20
C GLN A 63 -16.35 11.02 -14.04
N LEU A 64 -15.26 10.31 -14.30
CA LEU A 64 -14.24 10.10 -13.29
C LEU A 64 -13.80 11.46 -12.71
N ASN A 65 -13.50 12.40 -13.60
CA ASN A 65 -13.04 13.72 -13.21
C ASN A 65 -14.04 14.50 -12.35
N ALA A 66 -15.29 14.53 -12.78
CA ALA A 66 -16.29 15.25 -12.05
C ALA A 66 -16.41 14.64 -10.65
N ALA A 67 -16.42 13.32 -10.58
CA ALA A 67 -16.59 12.63 -9.33
C ALA A 67 -15.48 12.92 -8.33
N MET A 68 -14.26 12.95 -8.82
CA MET A 68 -13.12 13.15 -7.99
C MET A 68 -13.16 14.59 -7.50
N LYS A 69 -13.38 15.52 -8.43
CA LYS A 69 -13.45 16.96 -8.14
C LYS A 69 -14.52 17.28 -7.10
N SER A 70 -15.68 16.67 -7.25
CA SER A 70 -16.77 16.93 -6.32
C SER A 70 -16.44 16.43 -4.94
N GLN A 71 -15.86 15.24 -4.87
CA GLN A 71 -15.55 14.66 -3.61
C GLN A 71 -14.47 15.50 -2.94
N ILE A 72 -13.59 16.09 -3.74
CA ILE A 72 -12.59 16.99 -3.18
C ILE A 72 -13.31 18.16 -2.51
N ASP A 73 -14.40 18.65 -3.12
CA ASP A 73 -15.15 19.78 -2.54
C ASP A 73 -15.76 19.39 -1.20
N ALA A 74 -16.17 18.15 -1.06
CA ALA A 74 -16.72 17.64 0.19
C ALA A 74 -15.63 17.21 1.20
N MET A 75 -14.78 16.27 0.81
CA MET A 75 -13.66 15.87 1.64
C MET A 75 -12.84 14.81 0.94
N SER A 76 -11.57 15.09 0.81
CA SER A 76 -10.63 14.21 0.16
C SER A 76 -10.42 12.98 1.02
N HIS A 77 -10.08 13.27 2.25
CA HIS A 77 -9.88 12.19 3.17
C HIS A 77 -10.35 12.44 4.59
N VAL A 78 -10.75 11.34 5.22
CA VAL A 78 -11.06 11.34 6.62
C VAL A 78 -10.76 9.92 7.10
N MET A 79 -10.25 9.78 8.32
CA MET A 79 -9.93 8.48 8.89
C MET A 79 -11.17 7.60 8.98
N PHE A 80 -10.97 6.29 8.99
CA PHE A 80 -12.06 5.31 8.96
C PHE A 80 -12.22 4.56 10.28
N GLY A 81 -11.47 4.99 11.30
CA GLY A 81 -11.64 4.40 12.62
C GLY A 81 -12.73 5.15 13.36
N GLY A 82 -13.86 4.51 13.58
CA GLY A 82 -14.99 5.16 14.21
C GLY A 82 -15.79 6.07 13.29
N ILE A 83 -15.51 6.06 12.01
CA ILE A 83 -16.19 6.97 11.09
C ILE A 83 -16.56 6.20 9.81
N THR A 84 -17.63 6.64 9.16
CA THR A 84 -17.97 6.07 7.86
C THR A 84 -18.50 7.16 6.94
N HIS A 85 -18.58 6.89 5.66
CA HIS A 85 -18.98 7.92 4.74
C HIS A 85 -19.68 7.38 3.49
N ALA A 86 -20.34 8.28 2.77
CA ALA A 86 -21.15 7.86 1.63
C ALA A 86 -20.31 7.08 0.62
N PRO A 87 -19.19 7.63 0.17
CA PRO A 87 -18.37 6.94 -0.84
C PRO A 87 -17.97 5.49 -0.47
N ALA A 88 -17.60 5.19 0.76
CA ALA A 88 -17.23 3.80 1.12
C ALA A 88 -18.43 2.84 1.14
N ILE A 89 -19.59 3.37 1.53
CA ILE A 89 -20.81 2.54 1.59
C ILE A 89 -21.29 2.23 0.15
N GLU A 90 -21.40 3.26 -0.71
CA GLU A 90 -21.78 3.12 -2.15
C GLU A 90 -20.84 2.05 -2.78
N LEU A 91 -19.55 2.16 -2.52
CA LEU A 91 -18.59 1.22 -3.09
C LEU A 91 -18.75 -0.20 -2.54
N CYS A 92 -18.90 -0.35 -1.25
CA CYS A 92 -19.03 -1.69 -0.69
C CYS A 92 -20.38 -2.30 -1.10
N ARG A 93 -21.41 -1.47 -1.27
CA ARG A 93 -22.66 -2.01 -1.80
C ARG A 93 -22.39 -2.57 -3.20
N LYS A 94 -21.71 -1.82 -4.03
CA LYS A 94 -21.42 -2.32 -5.37
C LYS A 94 -20.53 -3.58 -5.26
N LEU A 95 -19.50 -3.53 -4.45
CA LEU A 95 -18.61 -4.67 -4.45
C LEU A 95 -19.35 -5.93 -4.04
N VAL A 96 -20.16 -5.81 -3.01
CA VAL A 96 -20.92 -6.96 -2.54
C VAL A 96 -21.92 -7.48 -3.57
N ALA A 97 -22.70 -6.59 -4.20
CA ALA A 97 -23.72 -6.99 -5.19
C ALA A 97 -23.14 -7.65 -6.46
N MET A 98 -22.02 -7.13 -6.93
CA MET A 98 -21.46 -7.56 -8.22
C MET A 98 -20.64 -8.86 -8.14
N THR A 99 -20.24 -9.26 -6.93
CA THR A 99 -19.41 -10.45 -6.74
C THR A 99 -20.27 -11.62 -6.31
N PRO A 100 -19.80 -12.86 -6.36
CA PRO A 100 -20.60 -13.96 -5.89
C PRO A 100 -21.18 -13.79 -4.48
N GLN A 101 -22.36 -14.36 -4.35
CA GLN A 101 -23.18 -14.22 -3.18
C GLN A 101 -22.51 -14.36 -1.82
N PRO A 102 -21.71 -15.39 -1.61
CA PRO A 102 -21.05 -15.55 -0.32
C PRO A 102 -19.97 -14.52 -0.01
N LEU A 103 -19.52 -13.76 -0.99
CA LEU A 103 -18.52 -12.74 -0.71
C LEU A 103 -19.27 -11.49 -0.28
N GLU A 104 -19.44 -11.30 1.02
CA GLU A 104 -20.24 -10.17 1.46
C GLU A 104 -19.61 -9.28 2.52
N CYS A 105 -18.35 -9.51 2.87
CA CYS A 105 -17.65 -8.71 3.86
C CYS A 105 -16.41 -8.12 3.21
N VAL A 106 -16.30 -6.79 3.19
CA VAL A 106 -15.22 -6.09 2.51
C VAL A 106 -14.19 -5.40 3.41
N PHE A 107 -12.90 -5.62 3.13
CA PHE A 107 -11.84 -4.89 3.81
C PHE A 107 -11.16 -4.05 2.74
N LEU A 108 -11.37 -2.73 2.77
CA LEU A 108 -10.78 -1.81 1.82
C LEU A 108 -9.35 -1.60 2.21
N ALA A 109 -8.45 -1.44 1.25
CA ALA A 109 -7.06 -1.10 1.53
C ALA A 109 -6.51 -0.24 0.44
N ASP A 110 -5.20 -0.01 0.51
CA ASP A 110 -4.55 0.93 -0.35
C ASP A 110 -4.00 0.36 -1.61
N SER A 111 -3.46 -0.85 -1.57
CA SER A 111 -2.82 -1.38 -2.75
C SER A 111 -3.07 -2.88 -2.94
N GLY A 112 -2.75 -3.39 -4.10
CA GLY A 112 -2.96 -4.81 -4.37
C GLY A 112 -2.18 -5.75 -3.49
N SER A 113 -0.92 -5.42 -3.24
CA SER A 113 0.00 -6.25 -2.46
C SER A 113 -0.51 -6.35 -1.05
N VAL A 114 -0.95 -5.22 -0.53
CA VAL A 114 -1.54 -5.18 0.81
C VAL A 114 -2.81 -6.04 0.82
N ALA A 115 -3.60 -5.97 -0.26
CA ALA A 115 -4.81 -6.77 -0.34
C ALA A 115 -4.53 -8.25 -0.24
N VAL A 116 -3.37 -8.66 -0.73
CA VAL A 116 -2.97 -10.07 -0.66
C VAL A 116 -2.46 -10.40 0.74
N GLU A 117 -1.72 -9.45 1.30
CA GLU A 117 -1.23 -9.61 2.66
C GLU A 117 -2.43 -9.89 3.58
N VAL A 118 -3.45 -9.06 3.41
CA VAL A 118 -4.69 -9.16 4.17
C VAL A 118 -5.34 -10.55 4.03
N ALA A 119 -5.49 -10.99 2.79
CA ALA A 119 -6.04 -12.32 2.54
C ALA A 119 -5.20 -13.38 3.26
N MET A 120 -3.89 -13.22 3.20
CA MET A 120 -3.01 -14.21 3.78
C MET A 120 -3.16 -14.18 5.29
N LYS A 121 -3.31 -12.99 5.86
CA LYS A 121 -3.53 -12.87 7.31
C LYS A 121 -4.86 -13.49 7.69
N MET A 122 -5.92 -13.16 6.93
CA MET A 122 -7.24 -13.76 7.16
C MET A 122 -7.20 -15.28 7.31
N ALA A 123 -6.60 -15.94 6.35
CA ALA A 123 -6.52 -17.40 6.36
C ALA A 123 -5.81 -17.88 7.59
N LEU A 124 -4.67 -17.26 7.93
CA LEU A 124 -3.95 -17.67 9.10
C LEU A 124 -4.80 -17.39 10.37
N GLN A 125 -5.34 -16.19 10.53
CA GLN A 125 -6.17 -15.89 11.72
C GLN A 125 -7.34 -16.88 11.79
N TYR A 126 -7.92 -17.20 10.64
CA TYR A 126 -9.04 -18.10 10.60
C TYR A 126 -8.68 -19.43 11.28
N TRP A 127 -7.63 -20.08 10.83
CA TRP A 127 -7.25 -21.34 11.45
C TRP A 127 -6.75 -21.20 12.91
N GLN A 128 -6.07 -20.10 13.24
CA GLN A 128 -5.67 -19.87 14.61
C GLN A 128 -6.92 -19.89 15.50
N ALA A 129 -7.97 -19.22 15.06
CA ALA A 129 -9.20 -19.10 15.81
C ALA A 129 -9.90 -20.45 16.03
N LYS A 130 -9.79 -21.34 15.04
CA LYS A 130 -10.39 -22.67 15.09
C LYS A 130 -9.45 -23.70 15.70
N GLY A 131 -8.35 -23.25 16.28
CA GLY A 131 -7.39 -24.13 16.92
C GLY A 131 -6.68 -25.12 16.01
N GLU A 132 -6.55 -24.83 14.73
CA GLU A 132 -5.82 -25.76 13.85
C GLU A 132 -4.42 -25.27 13.48
N ALA A 133 -3.48 -26.20 13.48
CA ALA A 133 -2.09 -25.88 13.15
C ALA A 133 -1.94 -25.88 11.63
N ARG A 134 -2.38 -24.80 10.98
CA ARG A 134 -2.27 -24.65 9.53
C ARG A 134 -1.54 -23.30 9.23
N GLN A 135 -0.32 -23.35 8.68
CA GLN A 135 0.41 -22.10 8.33
C GLN A 135 0.98 -22.15 6.90
N ARG A 136 0.65 -23.15 6.11
CA ARG A 136 1.21 -23.23 4.77
C ARG A 136 0.23 -22.86 3.70
N PHE A 137 0.80 -22.30 2.64
CA PHE A 137 0.02 -21.95 1.48
C PHE A 137 0.39 -22.82 0.30
N LEU A 138 -0.63 -23.31 -0.40
CA LEU A 138 -0.45 -24.13 -1.58
C LEU A 138 -0.77 -23.27 -2.77
N THR A 139 0.20 -23.18 -3.66
CA THR A 139 0.01 -22.33 -4.81
C THR A 139 0.54 -23.04 -6.02
N PHE A 140 0.42 -22.34 -7.13
CA PHE A 140 0.89 -22.82 -8.38
C PHE A 140 2.24 -22.13 -8.61
N ARG A 141 3.16 -22.76 -9.38
CA ARG A 141 4.36 -22.12 -9.92
C ARG A 141 3.88 -21.12 -10.97
N ASN A 142 4.71 -20.11 -11.27
CA ASN A 142 4.42 -19.01 -12.18
C ASN A 142 3.42 -18.01 -11.66
N GLY A 143 2.98 -18.13 -10.40
CA GLY A 143 2.03 -17.18 -9.83
C GLY A 143 2.73 -15.89 -9.38
N TYR A 144 1.99 -14.79 -9.35
CA TYR A 144 2.51 -13.51 -8.88
C TYR A 144 1.43 -12.84 -8.03
N HIS A 145 1.79 -12.41 -6.82
CA HIS A 145 0.84 -11.82 -5.87
C HIS A 145 1.30 -10.49 -5.21
N GLY A 146 2.39 -9.91 -5.70
CA GLY A 146 2.85 -8.66 -5.12
C GLY A 146 4.29 -8.69 -4.65
N ASP A 147 4.74 -7.58 -4.08
CA ASP A 147 6.16 -7.41 -3.71
C ASP A 147 6.48 -7.33 -2.23
N THR A 148 5.47 -7.30 -1.39
CA THR A 148 5.71 -7.27 0.03
C THR A 148 6.04 -8.71 0.42
N PHE A 149 6.60 -8.92 1.63
CA PHE A 149 7.15 -10.24 2.02
C PHE A 149 6.20 -11.44 1.94
N GLY A 150 5.02 -11.34 2.53
CA GLY A 150 4.05 -12.43 2.52
C GLY A 150 3.63 -12.71 1.08
N ALA A 151 3.30 -11.66 0.34
CA ALA A 151 2.98 -11.79 -1.09
C ALA A 151 4.11 -12.53 -1.82
N MET A 152 5.34 -12.09 -1.58
CA MET A 152 6.51 -12.72 -2.20
C MET A 152 6.63 -14.20 -1.90
N SER A 153 6.18 -14.63 -0.74
CA SER A 153 6.29 -16.02 -0.33
C SER A 153 5.38 -16.98 -1.07
N VAL A 154 4.48 -16.46 -1.92
CA VAL A 154 3.67 -17.33 -2.78
C VAL A 154 3.87 -16.97 -4.26
N CYS A 155 4.86 -16.14 -4.51
CA CYS A 155 5.24 -15.83 -5.88
C CYS A 155 6.12 -16.97 -6.33
N ASP A 156 6.24 -17.19 -7.63
CA ASP A 156 7.10 -18.25 -8.12
C ASP A 156 8.52 -18.03 -7.60
N PRO A 157 9.11 -19.04 -6.97
CA PRO A 157 10.47 -18.93 -6.42
C PRO A 157 11.55 -18.61 -7.45
N ASP A 158 11.42 -19.08 -8.69
CA ASP A 158 12.42 -18.75 -9.69
C ASP A 158 12.22 -17.33 -10.27
N ASN A 159 11.00 -17.02 -10.72
CA ASN A 159 10.72 -15.69 -11.25
C ASN A 159 11.05 -14.56 -10.26
N SER A 160 10.73 -14.76 -9.00
CA SER A 160 10.92 -13.72 -7.97
C SER A 160 12.25 -13.83 -7.21
N MET A 161 13.12 -14.76 -7.63
CA MET A 161 14.46 -14.92 -7.06
C MET A 161 14.47 -15.16 -5.55
N HIS A 162 13.82 -16.23 -5.09
CA HIS A 162 13.73 -16.53 -3.65
C HIS A 162 15.07 -16.86 -2.99
N SER A 163 16.09 -17.16 -3.80
CA SER A 163 17.41 -17.45 -3.26
C SER A 163 17.97 -16.22 -2.53
N LEU A 164 17.45 -15.05 -2.89
CA LEU A 164 17.84 -13.77 -2.26
C LEU A 164 17.40 -13.66 -0.80
N TRP A 165 16.30 -14.32 -0.46
CA TRP A 165 15.74 -14.26 0.88
C TRP A 165 15.75 -15.63 1.56
N LYS A 166 16.42 -16.61 0.93
CA LYS A 166 16.44 -17.98 1.45
C LYS A 166 16.77 -17.95 2.92
N GLY A 167 15.88 -18.50 3.71
CA GLY A 167 16.07 -18.50 5.14
C GLY A 167 15.35 -17.32 5.75
N TYR A 168 14.88 -16.37 4.93
CA TYR A 168 14.04 -15.29 5.48
C TYR A 168 12.56 -15.61 5.19
N LEU A 169 12.24 -15.92 3.93
CA LEU A 169 10.85 -16.20 3.58
C LEU A 169 10.39 -17.60 3.99
N PRO A 170 9.18 -17.69 4.54
CA PRO A 170 8.61 -18.99 4.91
C PRO A 170 8.53 -19.85 3.64
N GLU A 171 8.63 -21.16 3.75
CA GLU A 171 8.60 -22.00 2.56
C GLU A 171 7.20 -22.62 2.32
N ASN A 172 6.54 -22.16 1.26
CA ASN A 172 5.24 -22.69 0.95
C ASN A 172 5.35 -23.85 -0.05
N LEU A 173 4.20 -24.43 -0.37
CA LEU A 173 4.11 -25.56 -1.27
C LEU A 173 3.74 -25.07 -2.66
N PHE A 174 4.50 -25.50 -3.64
CA PHE A 174 4.32 -25.04 -4.98
C PHE A 174 4.01 -26.19 -5.93
N ALA A 175 2.77 -26.23 -6.40
CA ALA A 175 2.34 -27.24 -7.33
C ALA A 175 2.66 -26.73 -8.71
N PRO A 176 2.77 -27.63 -9.66
CA PRO A 176 3.14 -27.27 -11.03
C PRO A 176 2.15 -26.37 -11.70
N ALA A 177 2.68 -25.45 -12.49
CA ALA A 177 1.90 -24.53 -13.28
C ALA A 177 0.84 -25.28 -14.09
N PRO A 178 -0.37 -24.75 -14.18
CA PRO A 178 -1.41 -25.39 -14.98
C PRO A 178 -0.98 -25.45 -16.44
N GLN A 179 -1.09 -26.63 -17.04
CA GLN A 179 -0.65 -26.83 -18.43
C GLN A 179 -1.78 -26.68 -19.44
N SER A 180 -2.99 -27.07 -19.04
CA SER A 180 -4.14 -27.01 -19.92
C SER A 180 -4.40 -25.56 -20.25
N ARG A 181 -4.59 -25.27 -21.54
CA ARG A 181 -4.85 -23.91 -22.02
C ARG A 181 -6.33 -23.55 -21.93
N MET A 182 -6.56 -22.24 -21.90
CA MET A 182 -7.91 -21.68 -21.92
C MET A 182 -8.54 -21.96 -23.29
N ASP A 183 -7.77 -21.70 -24.34
CA ASP A 183 -8.18 -22.00 -25.71
C ASP A 183 -8.55 -23.51 -25.88
N GLY A 184 -7.75 -24.42 -25.30
CA GLY A 184 -7.88 -25.86 -25.52
C GLY A 184 -8.58 -26.86 -24.59
N GLU A 185 -7.97 -28.05 -24.50
CA GLU A 185 -8.53 -29.23 -23.83
C GLU A 185 -7.98 -29.50 -22.45
N TRP A 186 -8.76 -30.26 -21.68
CA TRP A 186 -8.38 -30.64 -20.32
C TRP A 186 -7.69 -31.99 -20.34
N ASP A 187 -6.58 -32.09 -19.60
CA ASP A 187 -5.80 -33.33 -19.50
C ASP A 187 -5.68 -33.62 -18.02
N GLU A 188 -6.27 -34.70 -17.58
CA GLU A 188 -6.28 -35.01 -16.15
C GLU A 188 -4.92 -35.29 -15.55
N ARG A 189 -3.92 -35.52 -16.39
CA ARG A 189 -2.57 -35.72 -15.92
C ARG A 189 -2.07 -34.47 -15.19
N ASP A 190 -2.62 -33.31 -15.57
CA ASP A 190 -2.28 -32.01 -14.99
C ASP A 190 -2.44 -32.04 -13.47
N MET A 191 -3.49 -32.71 -13.00
CA MET A 191 -3.81 -32.77 -11.58
C MET A 191 -2.87 -33.57 -10.70
N VAL A 192 -2.06 -34.46 -11.25
CA VAL A 192 -1.28 -35.34 -10.35
C VAL A 192 -0.45 -34.55 -9.30
N GLY A 193 0.43 -33.66 -9.75
CA GLY A 193 1.25 -32.87 -8.84
C GLY A 193 0.43 -32.20 -7.72
N PHE A 194 -0.52 -31.31 -8.05
CA PHE A 194 -1.35 -30.65 -7.05
C PHE A 194 -1.86 -31.68 -6.08
N ALA A 195 -2.36 -32.77 -6.62
CA ALA A 195 -2.94 -33.83 -5.83
C ALA A 195 -1.95 -34.49 -4.88
N ARG A 196 -0.76 -34.83 -5.41
CA ARG A 196 0.29 -35.42 -4.57
C ARG A 196 0.52 -34.51 -3.37
N LEU A 197 0.67 -33.21 -3.64
CA LEU A 197 0.94 -32.24 -2.59
C LEU A 197 -0.22 -32.20 -1.57
N MET A 198 -1.43 -32.13 -2.07
CA MET A 198 -2.57 -32.06 -1.18
C MET A 198 -2.56 -33.20 -0.17
N ALA A 199 -2.32 -34.42 -0.65
CA ALA A 199 -2.30 -35.60 0.21
C ALA A 199 -1.25 -35.52 1.31
N ALA A 200 -0.03 -35.18 0.95
CA ALA A 200 1.08 -35.11 1.90
C ALA A 200 0.90 -33.99 2.92
N HIS A 201 0.21 -32.93 2.52
CA HIS A 201 0.06 -31.79 3.41
C HIS A 201 -1.36 -31.32 3.70
N ARG A 202 -2.39 -32.09 3.33
CA ARG A 202 -3.77 -31.68 3.57
C ARG A 202 -3.99 -31.10 4.99
N HIS A 203 -3.38 -31.69 6.01
CA HIS A 203 -3.60 -31.27 7.40
C HIS A 203 -2.92 -29.97 7.81
N GLU A 204 -1.98 -29.48 7.03
CA GLU A 204 -1.30 -28.23 7.41
C GLU A 204 -1.57 -27.05 6.44
N ILE A 205 -2.35 -27.26 5.38
CA ILE A 205 -2.62 -26.16 4.45
C ILE A 205 -3.73 -25.22 4.93
N ALA A 206 -3.39 -23.95 5.07
CA ALA A 206 -4.34 -22.92 5.44
C ALA A 206 -5.21 -22.48 4.26
N ALA A 207 -4.66 -22.35 3.05
CA ALA A 207 -5.42 -21.89 1.87
C ALA A 207 -4.74 -22.19 0.53
N VAL A 208 -5.51 -22.37 -0.57
CA VAL A 208 -4.99 -22.52 -1.92
C VAL A 208 -5.11 -21.13 -2.46
N ILE A 209 -3.98 -20.52 -2.84
CA ILE A 209 -4.03 -19.20 -3.49
C ILE A 209 -3.55 -19.26 -4.93
N ILE A 210 -4.33 -18.66 -5.82
CA ILE A 210 -4.05 -18.64 -7.24
C ILE A 210 -4.65 -17.43 -7.92
N GLU A 211 -4.09 -17.07 -9.09
CA GLU A 211 -4.71 -16.07 -9.94
C GLU A 211 -5.62 -16.89 -10.86
N PRO A 212 -6.91 -16.58 -10.89
CA PRO A 212 -7.85 -17.38 -11.68
C PRO A 212 -7.77 -17.11 -13.17
N ILE A 213 -7.66 -18.18 -13.96
CA ILE A 213 -7.57 -18.16 -15.43
C ILE A 213 -6.29 -17.54 -15.94
N VAL A 214 -5.94 -16.30 -15.53
CA VAL A 214 -4.73 -15.66 -16.06
C VAL A 214 -3.66 -15.46 -15.02
N GLN A 215 -2.48 -16.07 -15.25
CA GLN A 215 -1.30 -15.79 -14.42
C GLN A 215 -0.61 -14.62 -15.09
N GLY A 216 -0.68 -13.42 -14.50
CA GLY A 216 -0.13 -12.23 -15.14
C GLY A 216 1.39 -12.07 -15.22
N ALA A 217 1.93 -11.36 -14.23
CA ALA A 217 3.36 -11.05 -14.16
C ALA A 217 4.32 -12.26 -14.25
N GLY A 218 3.85 -13.44 -13.87
CA GLY A 218 4.65 -14.65 -13.94
C GLY A 218 4.62 -15.34 -15.31
N GLY A 219 4.05 -14.70 -16.32
CA GLY A 219 4.11 -15.23 -17.68
C GLY A 219 2.92 -15.06 -18.61
N MET A 220 1.95 -14.22 -18.23
CA MET A 220 0.72 -14.04 -19.01
C MET A 220 0.22 -15.41 -19.49
N ARG A 221 0.08 -16.34 -18.56
CA ARG A 221 -0.42 -17.67 -18.85
C ARG A 221 -1.95 -17.72 -18.74
N MET A 222 -2.58 -18.41 -19.69
CA MET A 222 -4.04 -18.55 -19.76
C MET A 222 -4.46 -20.02 -19.74
N TYR A 223 -4.94 -20.50 -18.59
CA TYR A 223 -5.23 -21.90 -18.41
C TYR A 223 -6.73 -22.23 -18.33
N HIS A 224 -7.02 -23.53 -18.32
CA HIS A 224 -8.39 -24.06 -18.33
C HIS A 224 -9.20 -23.91 -17.06
N PRO A 225 -10.41 -23.39 -17.20
CA PRO A 225 -11.31 -23.19 -16.06
C PRO A 225 -11.69 -24.42 -15.26
N GLU A 226 -11.60 -25.59 -15.86
CA GLU A 226 -11.86 -26.82 -15.11
C GLU A 226 -10.97 -26.83 -13.86
N TRP A 227 -9.76 -26.29 -13.98
CA TRP A 227 -8.80 -26.20 -12.86
C TRP A 227 -9.50 -25.59 -11.64
N LEU A 228 -10.13 -24.44 -11.83
CA LEU A 228 -10.77 -23.76 -10.71
C LEU A 228 -11.80 -24.67 -10.07
N LYS A 229 -12.65 -25.25 -10.91
CA LYS A 229 -13.68 -26.20 -10.48
C LYS A 229 -13.11 -27.32 -9.66
N ARG A 230 -12.03 -27.91 -10.12
CA ARG A 230 -11.39 -28.97 -9.35
C ARG A 230 -10.87 -28.41 -8.01
N ILE A 231 -10.13 -27.30 -8.05
CA ILE A 231 -9.59 -26.69 -6.82
C ILE A 231 -10.72 -26.35 -5.80
N ARG A 232 -11.81 -25.76 -6.27
CA ARG A 232 -12.92 -25.46 -5.38
C ARG A 232 -13.46 -26.73 -4.70
N LYS A 233 -13.66 -27.77 -5.51
CA LYS A 233 -14.15 -29.03 -4.96
C LYS A 233 -13.13 -29.65 -4.01
N ILE A 234 -11.85 -29.61 -4.35
CA ILE A 234 -10.86 -30.15 -3.42
C ILE A 234 -10.87 -29.36 -2.10
N CYS A 235 -10.91 -28.04 -2.19
CA CYS A 235 -10.92 -27.20 -1.00
C CYS A 235 -12.19 -27.48 -0.24
N ASP A 236 -13.28 -27.59 -0.99
CA ASP A 236 -14.54 -27.95 -0.35
C ASP A 236 -14.38 -29.28 0.42
N ARG A 237 -13.89 -30.31 -0.23
CA ARG A 237 -13.77 -31.59 0.44
C ARG A 237 -12.79 -31.57 1.62
N GLU A 238 -11.68 -30.87 1.47
CA GLU A 238 -10.65 -30.92 2.51
C GLU A 238 -10.84 -29.90 3.59
N GLY A 239 -11.75 -28.97 3.36
CA GLY A 239 -12.02 -27.94 4.36
C GLY A 239 -11.01 -26.81 4.35
N ILE A 240 -10.46 -26.52 3.16
CA ILE A 240 -9.42 -25.54 3.03
C ILE A 240 -9.94 -24.30 2.37
N LEU A 241 -9.41 -23.14 2.75
CA LEU A 241 -9.79 -21.88 2.12
C LEU A 241 -9.15 -21.70 0.75
N LEU A 242 -9.93 -21.11 -0.15
CA LEU A 242 -9.43 -20.75 -1.47
C LEU A 242 -9.41 -19.24 -1.61
N ILE A 243 -8.24 -18.69 -1.91
CA ILE A 243 -8.10 -17.27 -2.12
C ILE A 243 -8.03 -17.12 -3.61
N ALA A 244 -8.81 -16.22 -4.16
CA ALA A 244 -8.62 -15.97 -5.58
C ALA A 244 -8.10 -14.55 -5.76
N ASP A 245 -6.93 -14.43 -6.37
CA ASP A 245 -6.34 -13.10 -6.59
C ASP A 245 -6.69 -12.52 -7.98
N GLU A 246 -7.65 -11.59 -7.98
CA GLU A 246 -8.19 -10.98 -9.17
C GLU A 246 -7.81 -9.51 -9.30
N ILE A 247 -6.70 -9.13 -8.68
CA ILE A 247 -6.22 -7.77 -8.79
C ILE A 247 -5.93 -7.36 -10.25
N ALA A 248 -5.47 -8.33 -11.05
CA ALA A 248 -5.24 -8.09 -12.47
C ALA A 248 -6.44 -8.46 -13.35
N THR A 249 -7.13 -9.55 -13.01
CA THR A 249 -8.22 -10.06 -13.84
C THR A 249 -9.62 -9.50 -13.62
N GLY A 250 -9.83 -8.73 -12.55
CA GLY A 250 -11.16 -8.24 -12.22
C GLY A 250 -11.65 -7.10 -13.09
N PHE A 251 -12.98 -6.91 -13.03
CA PHE A 251 -13.64 -5.82 -13.73
C PHE A 251 -13.56 -5.90 -15.24
N GLY A 252 -13.77 -7.10 -15.76
CA GLY A 252 -14.01 -7.32 -17.18
C GLY A 252 -12.86 -7.71 -18.07
N ALA A 253 -11.67 -7.74 -17.51
CA ALA A 253 -10.46 -7.93 -18.30
C ALA A 253 -10.40 -9.20 -19.13
N THR A 254 -10.96 -10.30 -18.62
CA THR A 254 -10.93 -11.53 -19.38
C THR A 254 -12.24 -11.77 -20.15
N GLY A 255 -13.09 -10.75 -20.22
CA GLY A 255 -14.34 -10.93 -20.93
C GLY A 255 -15.54 -11.14 -20.01
N LYS A 256 -15.29 -11.51 -18.75
CA LYS A 256 -16.34 -11.65 -17.76
C LYS A 256 -16.05 -10.67 -16.62
N LEU A 257 -17.04 -10.31 -15.83
CA LEU A 257 -16.79 -9.28 -14.83
C LEU A 257 -15.65 -9.75 -13.90
N PHE A 258 -15.67 -11.04 -13.54
CA PHE A 258 -14.62 -11.62 -12.75
C PHE A 258 -14.24 -12.95 -13.37
N ALA A 259 -12.95 -13.23 -13.39
CA ALA A 259 -12.43 -14.42 -14.03
C ALA A 259 -13.00 -15.70 -13.43
N CYS A 260 -13.34 -15.67 -12.16
CA CYS A 260 -13.95 -16.84 -11.55
C CYS A 260 -15.28 -17.19 -12.23
N GLU A 261 -15.90 -16.23 -12.91
CA GLU A 261 -17.14 -16.54 -13.62
C GLU A 261 -16.83 -17.64 -14.64
N HIS A 262 -15.69 -17.56 -15.30
CA HIS A 262 -15.39 -18.58 -16.31
C HIS A 262 -15.71 -20.00 -15.79
N ALA A 263 -15.55 -20.26 -14.48
CA ALA A 263 -15.81 -21.58 -13.89
C ALA A 263 -17.11 -21.66 -13.07
N GLU A 264 -17.78 -20.53 -12.86
CA GLU A 264 -19.01 -20.55 -12.04
C GLU A 264 -18.73 -21.00 -10.61
N ILE A 265 -17.56 -20.62 -10.08
CA ILE A 265 -17.21 -20.93 -8.70
C ILE A 265 -16.95 -19.65 -7.93
N ALA A 266 -17.01 -19.69 -6.60
CA ALA A 266 -16.79 -18.58 -5.71
C ALA A 266 -15.64 -18.97 -4.76
N PRO A 267 -14.65 -18.08 -4.61
CA PRO A 267 -13.57 -18.33 -3.67
C PRO A 267 -14.13 -17.98 -2.30
N ASP A 268 -13.38 -18.33 -1.27
CA ASP A 268 -13.71 -17.94 0.08
C ASP A 268 -13.15 -16.55 0.30
N ILE A 269 -12.05 -16.24 -0.41
CA ILE A 269 -11.44 -14.91 -0.30
C ILE A 269 -11.16 -14.38 -1.69
N LEU A 270 -11.53 -13.13 -1.95
CA LEU A 270 -11.29 -12.47 -3.24
C LEU A 270 -10.46 -11.19 -3.12
N CYS A 271 -9.38 -11.06 -3.87
CA CYS A 271 -8.60 -9.81 -3.87
C CYS A 271 -8.85 -8.95 -5.10
N LEU A 272 -9.06 -7.66 -4.91
CA LEU A 272 -9.36 -6.74 -5.97
C LEU A 272 -8.54 -5.46 -5.87
N GLY A 273 -8.22 -4.91 -7.02
CA GLY A 273 -7.51 -3.66 -7.07
C GLY A 273 -7.55 -3.09 -8.47
N LYS A 274 -6.42 -2.50 -8.87
CA LYS A 274 -6.21 -1.94 -10.22
C LYS A 274 -7.44 -1.27 -10.86
N ALA A 275 -8.17 -1.96 -11.71
CA ALA A 275 -9.24 -1.26 -12.42
C ALA A 275 -10.37 -0.69 -11.53
N LEU A 276 -10.36 -1.11 -10.28
CA LEU A 276 -11.31 -0.73 -9.28
C LEU A 276 -11.57 0.78 -9.30
N THR A 277 -10.53 1.60 -9.38
CA THR A 277 -10.70 3.04 -9.42
C THR A 277 -10.62 3.60 -10.84
N GLY A 278 -10.72 2.74 -11.82
CA GLY A 278 -10.55 3.18 -13.18
C GLY A 278 -9.19 3.77 -13.43
N GLY A 279 -8.19 3.41 -12.62
CA GLY A 279 -6.82 3.84 -12.89
C GLY A 279 -6.52 5.29 -12.58
N THR A 280 -7.33 5.90 -11.72
CA THR A 280 -7.04 7.26 -11.34
C THR A 280 -6.03 7.39 -10.18
N MET A 281 -6.07 6.44 -9.26
CA MET A 281 -5.26 6.53 -8.02
C MET A 281 -5.41 5.18 -7.36
N THR A 282 -4.53 4.85 -6.45
CA THR A 282 -4.54 3.54 -5.87
C THR A 282 -5.64 3.30 -4.84
N LEU A 283 -6.06 2.04 -4.80
CA LEU A 283 -7.06 1.54 -3.88
C LEU A 283 -7.16 0.00 -4.08
N SER A 284 -7.62 -0.75 -3.09
CA SER A 284 -7.83 -2.19 -3.25
C SER A 284 -8.95 -2.70 -2.35
N ALA A 285 -9.33 -3.96 -2.52
CA ALA A 285 -10.32 -4.52 -1.62
C ALA A 285 -10.15 -6.01 -1.50
N THR A 286 -10.31 -6.49 -0.28
CA THR A 286 -10.32 -7.93 -0.08
C THR A 286 -11.69 -8.34 0.44
N LEU A 287 -12.36 -9.21 -0.29
CA LEU A 287 -13.68 -9.63 0.14
C LEU A 287 -13.55 -11.06 0.67
N THR A 288 -14.37 -11.40 1.66
CA THR A 288 -14.44 -12.74 2.22
C THR A 288 -15.88 -13.02 2.66
N THR A 289 -16.07 -14.19 3.26
CA THR A 289 -17.37 -14.64 3.69
C THR A 289 -17.60 -14.38 5.14
N ARG A 290 -18.88 -14.41 5.51
CA ARG A 290 -19.32 -14.23 6.87
C ARG A 290 -18.61 -15.24 7.75
N GLU A 291 -18.53 -16.48 7.28
CA GLU A 291 -17.90 -17.52 8.09
C GLU A 291 -16.45 -17.14 8.46
N VAL A 292 -15.70 -16.56 7.53
CA VAL A 292 -14.31 -16.21 7.78
C VAL A 292 -14.22 -14.97 8.61
N ALA A 293 -14.95 -13.94 8.19
CA ALA A 293 -14.92 -12.67 8.90
C ALA A 293 -15.36 -12.83 10.34
N GLU A 294 -16.39 -13.62 10.57
CA GLU A 294 -16.90 -13.81 11.94
C GLU A 294 -15.98 -14.68 12.77
N THR A 295 -15.53 -15.77 12.16
CA THR A 295 -14.63 -16.65 12.85
C THR A 295 -13.44 -15.85 13.34
N ILE A 296 -12.84 -15.05 12.46
CA ILE A 296 -11.65 -14.29 12.86
C ILE A 296 -11.92 -13.43 14.09
N SER A 297 -13.07 -12.76 14.13
CA SER A 297 -13.44 -11.87 15.25
C SER A 297 -13.84 -12.60 16.53
N ASN A 298 -14.11 -13.89 16.44
CA ASN A 298 -14.46 -14.69 17.62
C ASN A 298 -13.22 -15.36 18.27
N GLY A 299 -12.06 -15.20 17.65
CA GLY A 299 -10.81 -15.77 18.18
C GLY A 299 -10.12 -14.87 19.19
N GLU A 300 -8.92 -15.27 19.62
CA GLU A 300 -8.14 -14.54 20.64
C GLU A 300 -8.05 -13.02 20.47
N ALA A 301 -7.88 -12.56 19.25
CA ALA A 301 -7.65 -11.14 19.00
C ALA A 301 -8.88 -10.23 19.09
N GLY A 302 -10.08 -10.81 18.99
CA GLY A 302 -11.30 -10.02 19.03
C GLY A 302 -11.53 -9.19 17.76
N CYS A 303 -10.70 -9.40 16.75
CA CYS A 303 -10.84 -8.63 15.53
C CYS A 303 -9.89 -9.16 14.48
N PHE A 304 -10.05 -8.66 13.28
CA PHE A 304 -9.06 -8.92 12.25
C PHE A 304 -7.98 -7.82 12.41
N MET A 305 -6.77 -8.24 12.74
CA MET A 305 -5.69 -7.31 13.03
C MET A 305 -4.97 -6.61 11.84
N HIS A 306 -5.63 -5.62 11.25
CA HIS A 306 -5.08 -4.86 10.17
C HIS A 306 -5.82 -3.55 10.00
N GLY A 307 -5.17 -2.51 9.53
CA GLY A 307 -5.90 -1.25 9.39
C GLY A 307 -5.06 -0.06 9.02
N PRO A 308 -4.91 0.13 7.72
CA PRO A 308 -4.07 1.19 7.16
C PRO A 308 -4.58 2.59 7.37
N THR A 309 -3.64 3.51 7.50
CA THR A 309 -3.95 4.92 7.68
C THR A 309 -5.02 5.46 6.75
N PHE A 310 -4.85 5.30 5.45
CA PHE A 310 -5.81 5.85 4.50
C PHE A 310 -6.93 4.89 4.13
N MET A 311 -7.18 3.89 4.97
CA MET A 311 -8.25 2.92 4.69
C MET A 311 -9.54 3.62 4.36
N GLY A 312 -10.19 3.24 3.26
CA GLY A 312 -11.52 3.78 2.93
C GLY A 312 -11.50 5.19 2.39
N ASN A 313 -10.30 5.70 2.11
CA ASN A 313 -10.15 7.01 1.48
C ASN A 313 -11.32 7.42 0.60
N PRO A 314 -12.08 8.42 1.04
CA PRO A 314 -13.20 8.98 0.28
C PRO A 314 -12.89 9.42 -1.15
N LEU A 315 -11.73 10.03 -1.41
CA LEU A 315 -11.45 10.46 -2.78
C LEU A 315 -11.34 9.23 -3.67
N ALA A 316 -10.60 8.23 -3.21
CA ALA A 316 -10.43 7.02 -3.99
C ALA A 316 -11.75 6.25 -4.09
N CYS A 317 -12.54 6.26 -3.03
CA CYS A 317 -13.82 5.55 -3.11
C CYS A 317 -14.77 6.20 -4.15
N ALA A 318 -14.73 7.52 -4.25
CA ALA A 318 -15.58 8.22 -5.20
C ALA A 318 -15.13 7.85 -6.60
N ALA A 319 -13.82 7.95 -6.85
CA ALA A 319 -13.31 7.57 -8.14
C ALA A 319 -13.83 6.16 -8.53
N ALA A 320 -13.72 5.20 -7.63
CA ALA A 320 -14.18 3.85 -7.92
C ALA A 320 -15.69 3.77 -8.09
N ASN A 321 -16.44 4.60 -7.39
CA ASN A 321 -17.89 4.55 -7.51
C ASN A 321 -18.28 4.97 -8.93
N ALA A 322 -17.56 5.95 -9.45
CA ALA A 322 -17.76 6.42 -10.79
C ALA A 322 -17.24 5.39 -11.83
N SER A 323 -16.13 4.73 -11.53
CA SER A 323 -15.63 3.69 -12.41
C SER A 323 -16.64 2.55 -12.50
N LEU A 324 -17.15 2.08 -11.37
CA LEU A 324 -18.11 0.95 -11.40
C LEU A 324 -19.43 1.34 -12.08
N ALA A 325 -19.77 2.61 -11.97
CA ALA A 325 -20.99 3.11 -12.58
C ALA A 325 -20.86 3.03 -14.10
N ILE A 326 -19.69 3.37 -14.63
CA ILE A 326 -19.50 3.26 -16.07
C ILE A 326 -19.68 1.79 -16.45
N LEU A 327 -19.15 0.86 -15.64
CA LEU A 327 -19.32 -0.55 -15.97
C LEU A 327 -20.83 -0.99 -15.87
N GLU A 328 -21.60 -0.34 -15.00
CA GLU A 328 -23.00 -0.69 -14.77
C GLU A 328 -23.77 -0.70 -16.10
N SER A 329 -23.44 0.23 -16.98
CA SER A 329 -24.12 0.27 -18.26
C SER A 329 -24.01 -1.05 -18.98
N GLY A 330 -22.92 -1.78 -18.76
CA GLY A 330 -22.73 -3.04 -19.44
C GLY A 330 -22.05 -2.92 -20.82
N ASP A 331 -21.87 -1.71 -21.38
CA ASP A 331 -21.15 -1.49 -22.65
C ASP A 331 -19.82 -2.25 -22.77
N TRP A 332 -19.10 -2.42 -21.67
CA TRP A 332 -17.81 -3.12 -21.66
C TRP A 332 -17.91 -4.53 -22.21
N GLN A 333 -18.96 -5.28 -21.87
CA GLN A 333 -19.02 -6.67 -22.37
C GLN A 333 -18.73 -6.69 -23.89
N GLN A 334 -19.39 -5.86 -24.66
CA GLN A 334 -19.23 -5.86 -26.11
C GLN A 334 -17.91 -5.22 -26.52
N GLN A 335 -17.58 -4.11 -25.86
CA GLN A 335 -16.31 -3.44 -26.06
C GLN A 335 -15.13 -4.46 -26.01
N VAL A 336 -15.17 -5.35 -25.02
CA VAL A 336 -14.14 -6.36 -24.82
C VAL A 336 -14.24 -7.49 -25.85
N ALA A 337 -15.46 -7.98 -26.09
CA ALA A 337 -15.70 -8.98 -27.10
C ALA A 337 -15.08 -8.47 -28.38
N ASP A 338 -15.34 -7.22 -28.74
CA ASP A 338 -14.78 -6.73 -29.99
C ASP A 338 -13.25 -6.62 -29.90
N ILE A 339 -12.72 -6.21 -28.75
CA ILE A 339 -11.28 -6.12 -28.58
C ILE A 339 -10.67 -7.53 -28.63
N GLU A 340 -11.41 -8.50 -28.12
CA GLU A 340 -10.93 -9.86 -28.15
C GLU A 340 -10.75 -10.40 -29.57
N VAL A 341 -11.78 -10.20 -30.41
CA VAL A 341 -11.77 -10.57 -31.82
C VAL A 341 -10.62 -9.86 -32.55
N GLN A 342 -10.57 -8.54 -32.43
CA GLN A 342 -9.54 -7.77 -33.10
C GLN A 342 -8.10 -8.22 -32.66
N LEU A 343 -7.95 -8.63 -31.41
CA LEU A 343 -6.63 -9.08 -30.98
C LEU A 343 -6.27 -10.44 -31.61
N ARG A 344 -7.23 -11.36 -31.66
CA ARG A 344 -6.98 -12.69 -32.22
C ARG A 344 -6.65 -12.50 -33.68
N GLU A 345 -7.56 -11.85 -34.38
CA GLU A 345 -7.39 -11.61 -35.79
C GLU A 345 -6.10 -10.85 -36.11
N GLN A 346 -5.81 -9.77 -35.39
CA GLN A 346 -4.63 -8.97 -35.72
C GLN A 346 -3.29 -9.43 -35.11
N LEU A 347 -3.32 -10.35 -34.15
CA LEU A 347 -2.06 -10.87 -33.62
C LEU A 347 -1.69 -12.16 -34.31
N ALA A 348 -2.67 -12.81 -34.91
CA ALA A 348 -2.46 -14.04 -35.66
C ALA A 348 -1.16 -14.04 -36.50
N PRO A 349 -0.92 -12.98 -37.24
CA PRO A 349 0.25 -12.94 -38.12
C PRO A 349 1.56 -13.15 -37.39
N ALA A 350 1.58 -12.85 -36.11
CA ALA A 350 2.82 -13.00 -35.37
C ALA A 350 3.19 -14.46 -35.25
N ARG A 351 2.18 -15.30 -35.39
CA ARG A 351 2.50 -16.70 -35.37
C ARG A 351 3.49 -17.03 -36.56
N ASP A 352 3.68 -16.09 -37.52
CA ASP A 352 4.57 -16.30 -38.67
C ASP A 352 5.97 -15.68 -38.52
N ALA A 353 6.28 -15.18 -37.34
CA ALA A 353 7.53 -14.47 -37.15
C ALA A 353 8.58 -15.32 -36.49
N GLU A 354 9.83 -15.11 -36.87
CA GLU A 354 10.90 -15.98 -36.41
C GLU A 354 11.10 -15.85 -34.90
N MET A 355 10.79 -14.70 -34.37
CA MET A 355 11.08 -14.44 -32.97
C MET A 355 9.94 -14.87 -32.04
N VAL A 356 8.85 -15.41 -32.57
CA VAL A 356 7.67 -15.78 -31.75
C VAL A 356 7.58 -17.24 -31.36
N ALA A 357 7.20 -17.46 -30.10
CA ALA A 357 7.11 -18.77 -29.48
C ALA A 357 5.68 -19.23 -29.28
N ASP A 358 4.77 -18.26 -29.26
CA ASP A 358 3.34 -18.49 -29.08
C ASP A 358 2.57 -17.23 -28.93
N VAL A 359 1.29 -17.28 -29.32
CA VAL A 359 0.37 -16.14 -29.24
C VAL A 359 -0.86 -16.63 -28.52
N ARG A 360 -1.44 -15.77 -27.70
CA ARG A 360 -2.67 -16.09 -26.98
C ARG A 360 -3.41 -14.80 -26.59
N VAL A 361 -4.74 -14.87 -26.70
CA VAL A 361 -5.65 -13.81 -26.44
C VAL A 361 -6.81 -14.30 -25.60
N LEU A 362 -7.25 -13.44 -24.70
CA LEU A 362 -8.39 -13.68 -23.84
C LEU A 362 -8.92 -12.31 -23.43
N GLY A 363 -10.14 -11.95 -23.82
CA GLY A 363 -10.67 -10.66 -23.45
C GLY A 363 -9.82 -9.51 -23.94
N ALA A 364 -9.57 -8.51 -23.09
CA ALA A 364 -8.76 -7.36 -23.49
C ALA A 364 -7.24 -7.65 -23.43
N ILE A 365 -6.87 -8.92 -23.28
CA ILE A 365 -5.46 -9.27 -23.13
C ILE A 365 -4.91 -10.07 -24.32
N GLY A 366 -3.89 -9.50 -24.95
CA GLY A 366 -3.25 -10.13 -26.07
C GLY A 366 -1.77 -10.23 -25.79
N VAL A 367 -1.25 -11.44 -25.82
CA VAL A 367 0.15 -11.68 -25.53
C VAL A 367 0.94 -12.32 -26.67
N VAL A 368 2.10 -11.77 -26.95
CA VAL A 368 2.99 -12.35 -27.93
C VAL A 368 4.27 -12.67 -27.15
N GLU A 369 4.47 -13.97 -26.91
CA GLU A 369 5.63 -14.49 -26.19
C GLU A 369 6.72 -14.78 -27.22
N THR A 370 7.92 -14.30 -26.93
CA THR A 370 9.04 -14.43 -27.87
C THR A 370 10.07 -15.46 -27.40
N THR A 371 10.97 -15.87 -28.28
CA THR A 371 11.89 -16.95 -27.99
C THR A 371 13.07 -16.48 -27.20
N HIS A 372 13.33 -15.18 -27.31
CA HIS A 372 14.46 -14.58 -26.66
C HIS A 372 14.02 -13.29 -25.94
N PRO A 373 14.71 -12.91 -24.91
CA PRO A 373 14.33 -11.69 -24.15
C PRO A 373 14.46 -10.41 -24.97
N VAL A 374 13.58 -9.44 -24.73
CA VAL A 374 13.61 -8.18 -25.48
C VAL A 374 14.69 -7.24 -24.96
N ASN A 375 15.10 -6.34 -25.82
CA ASN A 375 16.03 -5.27 -25.53
C ASN A 375 15.16 -4.08 -25.08
N MET A 376 15.12 -3.86 -23.78
CA MET A 376 14.23 -2.89 -23.22
C MET A 376 14.31 -1.49 -23.80
N ALA A 377 15.52 -0.94 -23.92
CA ALA A 377 15.71 0.45 -24.35
C ALA A 377 15.43 0.60 -25.81
N ALA A 378 15.93 -0.33 -26.59
CA ALA A 378 15.78 -0.21 -28.03
C ALA A 378 14.30 -0.45 -28.41
N LEU A 379 13.66 -1.48 -27.85
CA LEU A 379 12.24 -1.76 -28.25
C LEU A 379 11.33 -0.64 -27.76
N GLN A 380 11.65 -0.06 -26.62
CA GLN A 380 10.75 0.96 -26.08
C GLN A 380 10.82 2.20 -26.96
N LYS A 381 12.00 2.49 -27.48
CA LYS A 381 12.21 3.66 -28.31
C LYS A 381 11.46 3.43 -29.60
N PHE A 382 11.62 2.25 -30.16
CA PHE A 382 10.87 1.87 -31.33
C PHE A 382 9.37 2.14 -31.16
N PHE A 383 8.73 1.64 -30.09
CA PHE A 383 7.27 1.82 -29.95
C PHE A 383 6.93 3.31 -29.89
N VAL A 384 7.69 4.04 -29.12
CA VAL A 384 7.39 5.44 -28.99
C VAL A 384 7.41 6.12 -30.35
N GLU A 385 8.32 5.68 -31.20
CA GLU A 385 8.44 6.26 -32.54
C GLU A 385 7.25 5.92 -33.41
N GLN A 386 6.55 4.85 -33.11
CA GLN A 386 5.38 4.46 -33.85
C GLN A 386 4.16 5.18 -33.27
N GLY A 387 4.40 6.01 -32.26
CA GLY A 387 3.31 6.77 -31.63
C GLY A 387 2.44 5.92 -30.73
N VAL A 388 2.99 4.85 -30.19
CA VAL A 388 2.24 3.99 -29.33
C VAL A 388 3.05 3.81 -28.06
N TRP A 389 2.38 3.43 -26.97
CA TRP A 389 3.08 3.14 -25.75
C TRP A 389 2.84 1.70 -25.38
N ILE A 390 3.88 0.87 -25.51
CA ILE A 390 3.77 -0.56 -25.24
C ILE A 390 4.96 -0.89 -24.38
N ARG A 391 4.74 -1.60 -23.26
CA ARG A 391 5.81 -1.80 -22.30
C ARG A 391 6.02 -3.28 -22.09
N PRO A 392 7.01 -3.82 -22.79
CA PRO A 392 7.29 -5.24 -22.70
C PRO A 392 8.08 -5.61 -21.47
N PHE A 393 8.34 -6.90 -21.30
CA PHE A 393 9.19 -7.35 -20.23
C PHE A 393 9.51 -8.84 -20.41
N GLY A 394 10.80 -9.16 -20.30
CA GLY A 394 11.28 -10.53 -20.42
C GLY A 394 11.01 -10.96 -21.84
N LYS A 395 10.28 -12.05 -22.01
CA LYS A 395 9.97 -12.58 -23.34
C LYS A 395 8.52 -12.35 -23.66
N LEU A 396 7.99 -11.25 -23.13
CA LEU A 396 6.59 -10.91 -23.34
C LEU A 396 6.31 -9.54 -23.88
N ILE A 397 5.67 -9.50 -25.06
CA ILE A 397 5.09 -8.27 -25.60
C ILE A 397 3.59 -8.46 -25.56
N TYR A 398 2.93 -7.69 -24.71
CA TYR A 398 1.51 -7.85 -24.51
C TYR A 398 0.80 -6.54 -24.50
N LEU A 399 -0.50 -6.64 -24.75
CA LEU A 399 -1.40 -5.52 -24.82
C LEU A 399 -2.58 -5.75 -23.93
N MET A 400 -3.04 -4.67 -23.33
CA MET A 400 -4.25 -4.68 -22.56
C MET A 400 -4.72 -3.24 -22.56
N PRO A 401 -5.37 -2.83 -23.65
CA PRO A 401 -5.82 -1.45 -23.86
C PRO A 401 -7.07 -1.03 -23.11
N PRO A 402 -7.38 0.25 -23.11
CA PRO A 402 -8.65 0.74 -22.55
C PRO A 402 -9.83 0.20 -23.32
N TYR A 403 -10.86 -0.21 -22.62
CA TYR A 403 -12.05 -0.77 -23.26
C TYR A 403 -12.67 0.17 -24.26
N ILE A 404 -12.44 1.48 -24.10
CA ILE A 404 -12.98 2.50 -24.99
C ILE A 404 -12.17 2.72 -26.24
N ILE A 405 -11.08 1.97 -26.42
CA ILE A 405 -10.18 2.22 -27.58
C ILE A 405 -10.87 2.06 -28.93
N LEU A 406 -10.64 3.05 -29.79
CA LEU A 406 -11.19 3.00 -31.17
C LEU A 406 -10.41 1.98 -31.94
N PRO A 407 -11.11 1.26 -32.82
CA PRO A 407 -10.47 0.28 -33.68
C PRO A 407 -9.22 0.76 -34.46
N GLN A 408 -9.17 2.03 -34.77
CA GLN A 408 -8.06 2.67 -35.49
C GLN A 408 -6.81 2.67 -34.56
N GLN A 409 -7.02 2.92 -33.27
CA GLN A 409 -5.90 2.97 -32.32
C GLN A 409 -5.39 1.53 -31.99
N LEU A 410 -6.29 0.57 -31.84
CA LEU A 410 -5.90 -0.78 -31.55
C LEU A 410 -5.13 -1.39 -32.72
N GLN A 411 -5.57 -1.07 -33.94
CA GLN A 411 -4.91 -1.55 -35.15
C GLN A 411 -3.45 -1.08 -35.19
N ARG A 412 -3.21 0.19 -34.84
CA ARG A 412 -1.86 0.77 -34.74
C ARG A 412 -0.96 0.02 -33.74
N LEU A 413 -1.54 -0.36 -32.61
CA LEU A 413 -0.87 -1.15 -31.59
C LEU A 413 -0.47 -2.52 -32.08
N THR A 414 -1.42 -3.22 -32.70
CA THR A 414 -1.13 -4.55 -33.19
C THR A 414 -0.08 -4.51 -34.31
N ALA A 415 -0.15 -3.56 -35.22
CA ALA A 415 0.86 -3.45 -36.28
C ALA A 415 2.26 -3.21 -35.68
N ALA A 416 2.31 -2.43 -34.62
CA ALA A 416 3.59 -2.16 -33.98
C ALA A 416 4.19 -3.43 -33.35
N VAL A 417 3.34 -4.29 -32.84
CA VAL A 417 3.80 -5.53 -32.25
C VAL A 417 4.32 -6.41 -33.33
N ASN A 418 3.49 -6.56 -34.38
CA ASN A 418 3.80 -7.44 -35.50
C ASN A 418 5.11 -7.04 -36.14
N ARG A 419 5.36 -5.73 -36.16
CA ARG A 419 6.58 -5.18 -36.73
C ARG A 419 7.78 -5.43 -35.84
N ALA A 420 7.57 -5.35 -34.52
CA ALA A 420 8.66 -5.58 -33.58
C ALA A 420 9.23 -7.00 -33.52
N VAL A 421 8.45 -7.99 -33.93
CA VAL A 421 8.90 -9.39 -33.84
C VAL A 421 9.29 -10.08 -35.17
N GLN A 422 9.27 -9.33 -36.28
CA GLN A 422 9.61 -9.83 -37.61
C GLN A 422 11.09 -10.32 -37.70
N ASP A 423 12.02 -9.57 -37.09
CA ASP A 423 13.44 -10.00 -37.05
C ASP A 423 14.07 -9.79 -35.66
N GLU A 424 15.37 -10.05 -35.54
CA GLU A 424 16.04 -10.00 -34.22
C GLU A 424 16.62 -8.64 -33.75
N THR A 425 16.36 -7.57 -34.50
CA THR A 425 16.85 -6.24 -34.13
C THR A 425 16.64 -5.82 -32.67
N PHE A 426 15.43 -6.02 -32.18
CA PHE A 426 15.07 -5.59 -30.84
C PHE A 426 15.16 -6.71 -29.80
N PHE A 427 15.88 -7.77 -30.09
CA PHE A 427 16.00 -8.85 -29.11
C PHE A 427 17.39 -9.09 -28.48
N CYS A 428 17.33 -9.86 -27.39
CA CYS A 428 18.43 -10.18 -26.47
C CYS A 428 18.65 -9.10 -25.38
N GLN A 429 19.19 -7.97 -25.75
CA GLN A 429 19.40 -6.92 -24.82
C GLN A 429 20.27 -6.06 -25.64
N MET B 1 -27.05 10.66 3.84
CA MET B 1 -26.86 9.26 4.36
C MET B 1 -28.07 8.83 5.16
N THR B 2 -28.69 7.72 4.80
CA THR B 2 -29.73 7.12 5.65
C THR B 2 -29.24 6.08 6.68
N THR B 3 -30.16 5.54 7.48
CA THR B 3 -29.84 4.58 8.57
C THR B 3 -29.63 3.17 8.03
N ASP B 4 -30.09 2.96 6.82
CA ASP B 4 -29.93 1.69 6.15
C ASP B 4 -28.50 1.60 5.60
N ASP B 5 -27.94 2.74 5.23
CA ASP B 5 -26.55 2.83 4.81
C ASP B 5 -25.74 2.44 6.01
N LEU B 6 -26.05 3.08 7.14
CA LEU B 6 -25.40 2.76 8.40
C LEU B 6 -25.58 1.28 8.75
N ALA B 7 -26.71 0.70 8.41
CA ALA B 7 -26.91 -0.72 8.70
C ALA B 7 -26.07 -1.58 7.74
N PHE B 8 -25.94 -1.10 6.51
CA PHE B 8 -25.12 -1.83 5.56
C PHE B 8 -23.62 -1.85 5.96
N ASP B 9 -23.14 -0.70 6.42
CA ASP B 9 -21.75 -0.54 6.81
C ASP B 9 -21.42 -1.51 7.89
N GLN B 10 -22.28 -1.62 8.88
CA GLN B 10 -22.02 -2.43 10.04
C GLN B 10 -22.00 -3.88 9.68
N ARG B 11 -22.93 -4.26 8.84
CA ARG B 11 -23.05 -5.64 8.46
C ARG B 11 -21.97 -6.04 7.42
N HIS B 12 -21.55 -5.14 6.54
CA HIS B 12 -20.62 -5.58 5.46
C HIS B 12 -19.22 -4.95 5.41
N ILE B 13 -19.02 -3.83 6.08
CA ILE B 13 -17.75 -3.09 5.97
C ILE B 13 -16.79 -3.22 7.16
N LEU B 14 -15.67 -3.90 6.98
CA LEU B 14 -14.66 -3.96 8.04
C LEU B 14 -14.03 -2.57 8.28
N HIS B 15 -13.62 -2.29 9.51
CA HIS B 15 -12.91 -1.05 9.80
C HIS B 15 -11.60 -1.44 10.48
N PRO B 16 -10.67 -0.52 10.61
CA PRO B 16 -9.37 -0.84 11.19
C PRO B 16 -9.46 -1.48 12.58
N TYR B 17 -8.80 -2.62 12.75
CA TYR B 17 -8.65 -3.26 14.02
C TYR B 17 -9.89 -3.22 14.83
N THR B 18 -10.92 -3.84 14.30
CA THR B 18 -12.16 -3.82 15.02
C THR B 18 -13.04 -4.98 14.61
N SER B 19 -13.80 -5.51 15.57
CA SER B 19 -14.62 -6.71 15.31
C SER B 19 -15.76 -6.53 14.33
N MET B 20 -16.02 -7.60 13.58
CA MET B 20 -17.11 -7.64 12.61
C MET B 20 -18.31 -8.30 13.20
N THR B 21 -18.07 -8.87 14.35
CA THR B 21 -19.14 -9.48 15.05
C THR B 21 -19.59 -8.60 16.20
N SER B 22 -18.78 -7.64 16.63
CA SER B 22 -19.17 -6.78 17.74
C SER B 22 -18.65 -5.35 17.54
N PRO B 23 -18.99 -4.73 16.42
CA PRO B 23 -18.46 -3.42 16.08
C PRO B 23 -19.04 -2.33 16.96
N LEU B 24 -18.30 -1.23 17.12
CA LEU B 24 -18.79 -0.11 17.89
C LEU B 24 -19.27 0.90 16.92
N PRO B 25 -20.14 1.77 17.39
CA PRO B 25 -20.75 2.72 16.51
C PRO B 25 -19.68 3.39 15.68
N VAL B 26 -20.05 3.82 14.49
CA VAL B 26 -19.17 4.60 13.67
C VAL B 26 -20.00 5.82 13.34
N TYR B 27 -19.35 6.97 13.31
CA TYR B 27 -20.05 8.21 13.05
C TYR B 27 -19.93 8.60 11.58
N PRO B 28 -21.06 8.90 10.97
CA PRO B 28 -21.10 9.26 9.55
C PRO B 28 -20.74 10.71 9.29
N VAL B 29 -19.69 10.94 8.50
CA VAL B 29 -19.23 12.28 8.13
C VAL B 29 -19.62 12.56 6.67
N VAL B 30 -20.07 13.76 6.38
CA VAL B 30 -20.36 14.17 5.03
C VAL B 30 -19.38 15.21 4.49
N SER B 31 -18.63 15.89 5.34
CA SER B 31 -17.68 16.87 4.81
C SER B 31 -16.72 17.35 5.88
N ALA B 32 -15.78 18.22 5.51
CA ALA B 32 -14.83 18.78 6.48
C ALA B 32 -14.23 20.04 5.93
N GLU B 33 -13.96 21.03 6.77
CA GLU B 33 -13.25 22.29 6.37
C GLU B 33 -12.46 22.82 7.54
N GLY B 34 -11.37 23.48 7.24
CA GLY B 34 -10.54 24.04 8.28
C GLY B 34 -10.19 22.93 9.23
N CYS B 35 -10.52 23.07 10.49
CA CYS B 35 -10.22 22.01 11.44
C CYS B 35 -11.47 21.20 11.86
N GLU B 36 -12.57 21.35 11.13
CA GLU B 36 -13.80 20.67 11.54
C GLU B 36 -14.29 19.53 10.65
N LEU B 37 -14.89 18.54 11.31
CA LEU B 37 -15.55 17.45 10.65
C LEU B 37 -17.05 17.71 10.75
N ILE B 38 -17.76 17.52 9.65
CA ILE B 38 -19.19 17.80 9.66
C ILE B 38 -19.99 16.52 9.55
N LEU B 39 -20.68 16.18 10.62
CA LEU B 39 -21.47 14.95 10.61
C LEU B 39 -22.70 15.07 9.74
N SER B 40 -23.22 13.92 9.34
CA SER B 40 -24.39 13.85 8.49
C SER B 40 -25.54 14.68 8.99
N ASP B 41 -25.66 14.80 10.30
CA ASP B 41 -26.78 15.49 10.91
C ASP B 41 -26.57 16.97 11.02
N GLY B 42 -25.40 17.45 10.64
CA GLY B 42 -25.13 18.87 10.71
C GLY B 42 -24.20 19.31 11.83
N ARG B 43 -23.98 18.45 12.80
CA ARG B 43 -23.08 18.80 13.89
C ARG B 43 -21.67 19.02 13.38
N ARG B 44 -21.03 20.04 13.91
CA ARG B 44 -19.65 20.31 13.55
C ARG B 44 -18.79 19.87 14.74
N LEU B 45 -17.72 19.10 14.47
CA LEU B 45 -16.70 18.72 15.47
C LEU B 45 -15.25 19.18 15.12
N VAL B 46 -14.58 19.79 16.08
CA VAL B 46 -13.15 20.13 16.00
C VAL B 46 -12.39 18.81 16.07
N ASP B 47 -11.54 18.54 15.09
CA ASP B 47 -10.81 17.28 15.04
C ASP B 47 -9.55 17.47 15.84
N GLY B 48 -9.28 16.56 16.76
CA GLY B 48 -8.07 16.66 17.56
C GLY B 48 -7.00 15.68 17.11
N MET B 49 -7.35 14.83 16.15
CA MET B 49 -6.41 13.81 15.73
C MET B 49 -5.95 14.00 14.34
N SER B 50 -6.30 15.11 13.71
CA SER B 50 -6.11 15.24 12.26
C SER B 50 -4.71 14.93 11.76
N SER B 51 -3.67 15.39 12.48
CA SER B 51 -2.27 15.23 12.03
C SER B 51 -1.75 13.77 12.05
N TRP B 52 -2.26 13.00 12.98
CA TRP B 52 -1.90 11.59 13.01
C TRP B 52 -2.52 10.85 11.78
N TRP B 53 -3.64 11.35 11.26
CA TRP B 53 -4.19 10.80 10.01
C TRP B 53 -3.75 11.77 8.91
N ALA B 54 -2.56 12.35 9.10
CA ALA B 54 -1.83 13.06 8.05
C ALA B 54 -2.30 14.45 7.65
N ALA B 55 -3.32 14.97 8.32
CA ALA B 55 -3.92 16.23 7.90
C ALA B 55 -3.46 17.44 8.71
N ILE B 56 -2.19 17.78 8.53
CA ILE B 56 -1.49 18.85 9.22
C ILE B 56 -1.91 20.26 8.76
N HIS B 57 -2.42 20.39 7.55
CA HIS B 57 -2.91 21.70 7.10
C HIS B 57 -4.42 21.71 7.17
N GLY B 58 -4.97 20.81 7.98
CA GLY B 58 -6.40 20.70 8.13
C GLY B 58 -7.08 20.05 6.93
N TYR B 59 -8.39 20.32 6.83
CA TYR B 59 -9.20 19.83 5.74
C TYR B 59 -9.70 20.93 4.81
N ASN B 60 -10.03 20.53 3.60
CA ASN B 60 -10.46 21.45 2.55
C ASN B 60 -9.63 22.69 2.42
N HIS B 61 -8.32 22.47 2.37
CA HIS B 61 -7.38 23.55 2.30
C HIS B 61 -7.34 24.00 0.85
N PRO B 62 -7.51 25.31 0.61
CA PRO B 62 -7.56 25.85 -0.75
C PRO B 62 -6.33 25.50 -1.59
N GLN B 63 -5.14 25.63 -1.04
CA GLN B 63 -3.94 25.37 -1.83
C GLN B 63 -3.89 23.88 -2.19
N LEU B 64 -4.21 22.97 -1.26
CA LEU B 64 -4.18 21.55 -1.59
C LEU B 64 -5.27 21.25 -2.63
N ASN B 65 -6.42 21.87 -2.46
CA ASN B 65 -7.50 21.63 -3.39
C ASN B 65 -7.09 21.98 -4.81
N ALA B 66 -6.69 23.23 -5.01
CA ALA B 66 -6.35 23.73 -6.35
C ALA B 66 -5.36 22.80 -7.03
N ALA B 67 -4.28 22.48 -6.34
CA ALA B 67 -3.25 21.60 -6.85
C ALA B 67 -3.84 20.27 -7.33
N MET B 68 -4.71 19.67 -6.52
CA MET B 68 -5.27 18.36 -6.86
C MET B 68 -6.15 18.47 -8.12
N LYS B 69 -6.93 19.54 -8.19
CA LYS B 69 -7.84 19.73 -9.29
C LYS B 69 -7.07 20.07 -10.52
N SER B 70 -6.05 20.89 -10.37
CA SER B 70 -5.24 21.21 -11.52
C SER B 70 -4.64 19.91 -12.06
N GLN B 71 -4.09 19.09 -11.17
CA GLN B 71 -3.40 17.88 -11.61
C GLN B 71 -4.40 16.98 -12.30
N ILE B 72 -5.60 16.91 -11.74
CA ILE B 72 -6.63 16.10 -12.33
C ILE B 72 -6.85 16.54 -13.78
N ASP B 73 -6.84 17.85 -14.04
CA ASP B 73 -7.03 18.33 -15.43
C ASP B 73 -5.91 17.88 -16.36
N ALA B 74 -4.69 17.72 -15.86
CA ALA B 74 -3.57 17.23 -16.69
C ALA B 74 -3.62 15.72 -16.82
N MET B 75 -3.54 15.04 -15.67
CA MET B 75 -3.68 13.60 -15.58
C MET B 75 -3.63 13.20 -14.11
N SER B 76 -4.53 12.31 -13.73
CA SER B 76 -4.62 11.79 -12.39
C SER B 76 -3.52 10.79 -12.21
N HIS B 77 -3.43 9.87 -13.17
CA HIS B 77 -2.40 8.84 -13.13
C HIS B 77 -1.80 8.47 -14.48
N VAL B 78 -0.60 7.89 -14.42
CA VAL B 78 0.03 7.29 -15.57
C VAL B 78 1.12 6.42 -14.95
N MET B 79 1.46 5.29 -15.57
CA MET B 79 2.44 4.37 -15.03
C MET B 79 3.80 5.02 -14.96
N PHE B 80 4.66 4.45 -14.11
CA PHE B 80 5.97 5.00 -13.82
C PHE B 80 7.08 4.16 -14.43
N GLY B 81 6.73 3.10 -15.15
CA GLY B 81 7.71 2.22 -15.71
C GLY B 81 8.11 2.75 -17.06
N GLY B 82 9.28 3.36 -17.15
CA GLY B 82 9.72 3.99 -18.40
C GLY B 82 9.16 5.39 -18.63
N ILE B 83 8.50 5.92 -17.62
CA ILE B 83 7.89 7.22 -17.79
C ILE B 83 8.21 8.06 -16.58
N THR B 84 8.32 9.38 -16.75
CA THR B 84 8.46 10.24 -15.58
C THR B 84 7.60 11.46 -15.75
N HIS B 85 7.50 12.29 -14.72
CA HIS B 85 6.59 13.44 -14.77
C HIS B 85 6.92 14.50 -13.75
N ALA B 86 6.34 15.67 -13.96
CA ALA B 86 6.66 16.84 -13.13
C ALA B 86 6.31 16.66 -11.64
N PRO B 87 5.10 16.26 -11.30
CA PRO B 87 4.75 16.06 -9.89
C PRO B 87 5.77 15.14 -9.21
N ALA B 88 6.11 14.02 -9.83
CA ALA B 88 7.08 13.09 -9.26
C ALA B 88 8.46 13.74 -9.12
N ILE B 89 8.85 14.52 -10.10
CA ILE B 89 10.18 15.16 -10.05
C ILE B 89 10.18 16.32 -9.03
N GLU B 90 9.16 17.17 -9.03
CA GLU B 90 9.13 18.22 -8.04
C GLU B 90 9.17 17.63 -6.61
N LEU B 91 8.35 16.63 -6.34
CA LEU B 91 8.31 15.98 -5.05
C LEU B 91 9.71 15.44 -4.60
N CYS B 92 10.31 14.62 -5.46
CA CYS B 92 11.58 13.99 -5.15
C CYS B 92 12.66 15.07 -4.97
N ARG B 93 12.53 16.18 -5.66
CA ARG B 93 13.48 17.27 -5.47
C ARG B 93 13.36 17.77 -4.07
N LYS B 94 12.15 18.11 -3.68
CA LYS B 94 11.87 18.66 -2.36
C LYS B 94 12.30 17.70 -1.26
N LEU B 95 12.00 16.41 -1.44
CA LEU B 95 12.37 15.38 -0.47
C LEU B 95 13.91 15.25 -0.33
N VAL B 96 14.64 15.26 -1.43
CA VAL B 96 16.07 15.13 -1.33
C VAL B 96 16.64 16.33 -0.58
N ALA B 97 16.19 17.50 -0.98
CA ALA B 97 16.72 18.73 -0.40
C ALA B 97 16.41 18.91 1.09
N MET B 98 15.27 18.43 1.56
CA MET B 98 14.82 18.74 2.91
C MET B 98 15.30 17.70 3.91
N THR B 99 15.90 16.62 3.42
CA THR B 99 16.42 15.57 4.29
C THR B 99 17.95 15.61 4.32
N PRO B 100 18.56 15.04 5.34
CA PRO B 100 20.02 15.07 5.40
C PRO B 100 20.63 14.70 4.06
N GLN B 101 21.80 15.30 3.84
CA GLN B 101 22.57 15.20 2.62
C GLN B 101 22.77 13.79 2.04
N PRO B 102 23.18 12.81 2.82
CA PRO B 102 23.40 11.49 2.24
C PRO B 102 22.16 10.88 1.63
N LEU B 103 20.98 11.36 2.01
CA LEU B 103 19.74 10.74 1.51
C LEU B 103 19.35 11.39 0.20
N GLU B 104 19.72 10.77 -0.89
CA GLU B 104 19.48 11.40 -2.16
C GLU B 104 18.84 10.49 -3.23
N CYS B 105 18.31 9.32 -2.83
CA CYS B 105 17.68 8.36 -3.76
C CYS B 105 16.28 8.00 -3.27
N VAL B 106 15.24 8.33 -4.05
CA VAL B 106 13.86 8.19 -3.58
C VAL B 106 13.07 7.04 -4.23
N PHE B 107 12.62 6.08 -3.40
CA PHE B 107 11.69 5.05 -3.90
C PHE B 107 10.32 5.45 -3.40
N LEU B 108 9.50 6.02 -4.29
CA LEU B 108 8.10 6.40 -3.95
C LEU B 108 7.22 5.16 -3.90
N ALA B 109 6.29 5.13 -2.95
CA ALA B 109 5.37 3.98 -2.86
C ALA B 109 3.99 4.38 -2.41
N ASP B 110 3.15 3.41 -2.11
CA ASP B 110 1.74 3.67 -1.81
C ASP B 110 1.31 3.96 -0.37
N SER B 111 1.97 3.36 0.58
CA SER B 111 1.52 3.38 1.97
C SER B 111 2.71 3.13 2.85
N GLY B 112 2.56 3.48 4.12
CA GLY B 112 3.63 3.37 5.10
C GLY B 112 4.17 1.97 5.22
N SER B 113 3.28 1.00 5.39
CA SER B 113 3.66 -0.40 5.55
C SER B 113 4.56 -0.85 4.41
N VAL B 114 4.18 -0.49 3.18
CA VAL B 114 4.93 -0.89 2.00
C VAL B 114 6.28 -0.19 2.01
N ALA B 115 6.29 1.05 2.48
CA ALA B 115 7.52 1.82 2.59
C ALA B 115 8.48 1.13 3.55
N VAL B 116 7.95 0.56 4.63
CA VAL B 116 8.80 -0.18 5.54
C VAL B 116 9.24 -1.49 4.87
N GLU B 117 8.33 -2.14 4.14
CA GLU B 117 8.70 -3.37 3.45
C GLU B 117 9.88 -3.10 2.46
N VAL B 118 9.82 -1.96 1.78
CA VAL B 118 10.83 -1.52 0.84
C VAL B 118 12.19 -1.40 1.56
N ALA B 119 12.19 -0.74 2.72
CA ALA B 119 13.41 -0.54 3.49
C ALA B 119 14.05 -1.83 3.86
N MET B 120 13.24 -2.75 4.34
CA MET B 120 13.70 -4.02 4.86
C MET B 120 14.24 -4.82 3.71
N LYS B 121 13.54 -4.78 2.59
CA LYS B 121 14.02 -5.45 1.42
C LYS B 121 15.36 -4.78 1.03
N MET B 122 15.42 -3.47 1.06
CA MET B 122 16.63 -2.82 0.64
C MET B 122 17.79 -3.38 1.45
N ALA B 123 17.61 -3.54 2.74
CA ALA B 123 18.71 -3.97 3.60
C ALA B 123 19.16 -5.38 3.33
N LEU B 124 18.20 -6.27 3.08
CA LEU B 124 18.54 -7.66 2.85
C LEU B 124 19.29 -7.81 1.55
N GLN B 125 18.81 -7.16 0.48
CA GLN B 125 19.45 -7.22 -0.83
C GLN B 125 20.84 -6.62 -0.80
N TYR B 126 21.00 -5.57 0.01
CA TYR B 126 22.29 -4.90 0.14
C TYR B 126 23.34 -5.93 0.59
N TRP B 127 23.11 -6.57 1.72
CA TRP B 127 24.04 -7.55 2.25
C TRP B 127 24.20 -8.75 1.34
N GLN B 128 23.12 -9.08 0.66
CA GLN B 128 23.20 -10.18 -0.24
C GLN B 128 24.20 -9.84 -1.35
N ALA B 129 24.16 -8.62 -1.86
CA ALA B 129 25.11 -8.21 -2.88
C ALA B 129 26.54 -8.20 -2.35
N LYS B 130 26.71 -7.95 -1.06
CA LYS B 130 28.04 -7.95 -0.47
C LYS B 130 28.51 -9.36 -0.10
N GLY B 131 27.65 -10.36 -0.17
CA GLY B 131 28.06 -11.72 0.17
C GLY B 131 28.11 -12.04 1.66
N GLU B 132 27.50 -11.20 2.47
CA GLU B 132 27.52 -11.45 3.87
C GLU B 132 26.20 -12.11 4.30
N ALA B 133 26.28 -13.04 5.26
CA ALA B 133 25.12 -13.77 5.78
C ALA B 133 24.40 -12.98 6.89
N ARG B 134 23.69 -11.90 6.51
CA ARG B 134 22.99 -10.99 7.43
C ARG B 134 21.49 -10.92 7.12
N GLN B 135 20.68 -11.59 7.92
CA GLN B 135 19.27 -11.64 7.63
C GLN B 135 18.39 -11.18 8.78
N ARG B 136 18.99 -10.90 9.91
CA ARG B 136 18.21 -10.52 11.06
C ARG B 136 18.10 -9.02 11.18
N PHE B 137 17.03 -8.54 11.81
CA PHE B 137 16.88 -7.12 12.13
C PHE B 137 16.94 -6.95 13.62
N LEU B 138 17.53 -5.87 14.09
CA LEU B 138 17.52 -5.51 15.49
C LEU B 138 16.66 -4.28 15.66
N THR B 139 15.65 -4.35 16.50
CA THR B 139 14.81 -3.21 16.72
C THR B 139 14.63 -3.10 18.22
N PHE B 140 13.57 -2.41 18.59
CA PHE B 140 13.32 -2.04 19.93
C PHE B 140 11.94 -2.56 20.32
N ARG B 141 11.69 -2.82 21.61
CA ARG B 141 10.33 -3.21 22.01
C ARG B 141 9.44 -1.97 21.91
N ASN B 142 8.12 -2.20 21.86
CA ASN B 142 7.13 -1.13 21.75
C ASN B 142 7.22 -0.38 20.42
N GLY B 143 7.97 -0.93 19.46
CA GLY B 143 8.02 -0.32 18.16
C GLY B 143 6.86 -0.83 17.33
N TYR B 144 6.39 0.00 16.40
CA TYR B 144 5.35 -0.34 15.43
C TYR B 144 5.80 0.17 14.08
N HIS B 145 5.70 -0.68 13.05
CA HIS B 145 6.16 -0.36 11.72
C HIS B 145 5.18 -0.69 10.57
N GLY B 146 4.00 -1.15 10.88
CA GLY B 146 3.05 -1.49 9.83
C GLY B 146 2.32 -2.79 10.08
N ASP B 147 1.42 -3.17 9.16
CA ASP B 147 0.63 -4.42 9.33
C ASP B 147 0.91 -5.54 8.32
N THR B 148 1.80 -5.31 7.35
CA THR B 148 2.18 -6.33 6.40
C THR B 148 3.16 -7.27 7.08
N PHE B 149 3.34 -8.47 6.53
CA PHE B 149 4.18 -9.48 7.14
C PHE B 149 5.58 -9.00 7.61
N GLY B 150 6.37 -8.39 6.74
CA GLY B 150 7.71 -8.00 7.13
C GLY B 150 7.66 -6.93 8.20
N ALA B 151 6.78 -5.96 8.02
CA ALA B 151 6.63 -4.90 9.00
C ALA B 151 6.23 -5.52 10.31
N MET B 152 5.34 -6.50 10.26
CA MET B 152 4.88 -7.15 11.48
C MET B 152 6.09 -7.82 12.14
N SER B 153 7.04 -8.30 11.32
CA SER B 153 8.18 -9.01 11.88
C SER B 153 9.06 -8.15 12.76
N VAL B 154 8.91 -6.83 12.68
CA VAL B 154 9.73 -5.99 13.54
C VAL B 154 8.89 -5.14 14.46
N CYS B 155 7.60 -5.49 14.61
CA CYS B 155 6.71 -4.81 15.53
C CYS B 155 6.85 -5.45 16.88
N ASP B 156 6.48 -4.73 17.94
CA ASP B 156 6.56 -5.34 19.27
C ASP B 156 5.72 -6.59 19.28
N PRO B 157 6.31 -7.72 19.67
CA PRO B 157 5.63 -9.02 19.62
C PRO B 157 4.44 -9.12 20.58
N ASP B 158 4.53 -8.47 21.73
CA ASP B 158 3.40 -8.49 22.65
C ASP B 158 2.27 -7.63 22.07
N ASN B 159 2.54 -6.36 21.82
CA ASN B 159 1.52 -5.45 21.24
C ASN B 159 0.80 -5.95 19.99
N SER B 160 1.51 -6.66 19.14
CA SER B 160 0.92 -7.11 17.89
C SER B 160 0.47 -8.57 17.92
N MET B 161 0.62 -9.24 19.07
CA MET B 161 0.13 -10.61 19.22
C MET B 161 0.82 -11.61 18.29
N HIS B 162 2.14 -11.68 18.37
CA HIS B 162 2.91 -12.55 17.47
C HIS B 162 2.57 -14.05 17.57
N SER B 163 2.01 -14.49 18.70
CA SER B 163 1.65 -15.91 18.91
C SER B 163 0.68 -16.40 17.82
N LEU B 164 -0.10 -15.47 17.30
CA LEU B 164 -1.02 -15.77 16.21
C LEU B 164 -0.27 -16.36 15.04
N TRP B 165 0.95 -15.85 14.83
CA TRP B 165 1.75 -16.23 13.66
C TRP B 165 3.03 -16.96 14.04
N LYS B 166 3.18 -17.29 15.32
CA LYS B 166 4.40 -17.93 15.79
C LYS B 166 4.66 -19.09 14.84
N GLY B 167 5.84 -19.09 14.23
CA GLY B 167 6.17 -20.14 13.28
C GLY B 167 6.14 -19.64 11.83
N TYR B 168 5.34 -18.60 11.58
CA TYR B 168 5.28 -18.01 10.22
C TYR B 168 6.24 -16.83 10.13
N LEU B 169 6.17 -15.91 11.09
CA LEU B 169 7.05 -14.74 11.07
C LEU B 169 8.49 -15.12 11.42
N PRO B 170 9.44 -14.52 10.75
CA PRO B 170 10.86 -14.69 11.11
C PRO B 170 11.15 -14.06 12.47
N GLU B 171 12.02 -14.68 13.27
CA GLU B 171 12.27 -14.17 14.60
C GLU B 171 13.46 -13.22 14.61
N ASN B 172 13.17 -11.94 14.84
CA ASN B 172 14.17 -10.88 14.84
C ASN B 172 14.64 -10.58 16.28
N LEU B 173 15.49 -9.57 16.44
CA LEU B 173 16.05 -9.25 17.72
C LEU B 173 15.42 -8.00 18.27
N PHE B 174 14.95 -8.09 19.51
CA PHE B 174 14.24 -7.02 20.15
C PHE B 174 14.98 -6.52 21.36
N ALA B 175 15.55 -5.35 21.22
CA ALA B 175 16.20 -4.76 22.36
C ALA B 175 15.10 -4.16 23.19
N PRO B 176 15.33 -3.98 24.46
CA PRO B 176 14.29 -3.37 25.29
C PRO B 176 13.91 -1.98 24.79
N ALA B 177 12.69 -1.55 25.12
CA ALA B 177 12.24 -0.21 24.86
C ALA B 177 13.12 0.80 25.62
N PRO B 178 13.44 1.92 24.97
CA PRO B 178 14.22 2.99 25.60
C PRO B 178 13.49 3.56 26.81
N GLN B 179 14.24 3.75 27.91
CA GLN B 179 13.68 4.25 29.17
C GLN B 179 13.87 5.76 29.34
N SER B 180 15.01 6.29 28.93
CA SER B 180 15.27 7.72 29.15
C SER B 180 14.26 8.62 28.42
N ARG B 181 13.65 9.56 29.14
CA ARG B 181 12.66 10.47 28.54
C ARG B 181 13.24 11.65 27.76
N MET B 182 12.46 12.14 26.79
CA MET B 182 12.83 13.31 25.98
C MET B 182 12.82 14.56 26.87
N ASP B 183 11.96 14.55 27.89
CA ASP B 183 11.91 15.62 28.88
C ASP B 183 13.15 15.60 29.78
N GLY B 184 13.51 14.40 30.20
CA GLY B 184 14.49 14.23 31.25
C GLY B 184 15.92 14.00 30.88
N GLU B 185 16.54 13.31 31.81
CA GLU B 185 17.94 13.04 31.80
C GLU B 185 18.26 11.75 31.08
N TRP B 186 19.52 11.64 30.70
CA TRP B 186 20.00 10.45 30.07
C TRP B 186 20.49 9.55 31.13
N ASP B 187 20.11 8.31 30.98
CA ASP B 187 20.64 7.30 31.84
C ASP B 187 21.36 6.18 30.98
N GLU B 188 22.66 5.88 31.24
CA GLU B 188 23.46 4.89 30.43
C GLU B 188 23.12 3.44 30.66
N ARG B 189 22.38 3.18 31.72
CA ARG B 189 21.90 1.84 31.95
C ARG B 189 20.99 1.43 30.76
N ASP B 190 20.34 2.43 30.17
CA ASP B 190 19.47 2.25 29.02
C ASP B 190 20.12 1.41 27.91
N MET B 191 21.45 1.52 27.76
CA MET B 191 22.15 0.83 26.66
C MET B 191 22.38 -0.65 26.88
N VAL B 192 22.44 -1.16 28.07
CA VAL B 192 22.96 -2.53 28.26
C VAL B 192 22.24 -3.54 27.39
N GLY B 193 20.95 -3.67 27.48
CA GLY B 193 20.27 -4.61 26.60
C GLY B 193 20.78 -4.63 25.20
N PHE B 194 20.63 -3.45 24.61
CA PHE B 194 20.97 -3.25 23.24
C PHE B 194 22.37 -3.75 22.98
N ALA B 195 23.28 -3.36 23.85
CA ALA B 195 24.67 -3.71 23.71
C ALA B 195 24.90 -5.24 23.81
N ARG B 196 24.21 -5.88 24.75
CA ARG B 196 24.34 -7.31 24.93
C ARG B 196 23.89 -7.99 23.62
N LEU B 197 22.77 -7.53 23.07
CA LEU B 197 22.25 -8.14 21.84
C LEU B 197 23.19 -7.94 20.68
N MET B 198 23.71 -6.73 20.55
CA MET B 198 24.63 -6.44 19.44
C MET B 198 25.87 -7.28 19.55
N ALA B 199 26.35 -7.44 20.77
CA ALA B 199 27.53 -8.24 20.98
C ALA B 199 27.32 -9.68 20.50
N ALA B 200 26.17 -10.25 20.83
CA ALA B 200 25.86 -11.65 20.52
C ALA B 200 25.50 -11.93 19.07
N HIS B 201 25.03 -10.90 18.33
CA HIS B 201 24.55 -11.13 16.97
C HIS B 201 25.08 -10.16 15.95
N ARG B 202 26.11 -9.41 16.30
CA ARG B 202 26.67 -8.41 15.40
C ARG B 202 26.86 -8.94 14.01
N HIS B 203 27.25 -10.21 13.92
CA HIS B 203 27.59 -10.86 12.65
C HIS B 203 26.41 -11.23 11.75
N GLU B 204 25.19 -11.31 12.28
CA GLU B 204 24.02 -11.68 11.45
C GLU B 204 23.02 -10.53 11.19
N ILE B 205 23.25 -9.38 11.83
CA ILE B 205 22.34 -8.23 11.74
C ILE B 205 22.44 -7.41 10.45
N ALA B 206 21.33 -7.38 9.71
CA ALA B 206 21.28 -6.65 8.43
C ALA B 206 21.07 -5.15 8.62
N ALA B 207 20.26 -4.80 9.62
CA ALA B 207 20.00 -3.41 9.94
C ALA B 207 19.38 -3.23 11.28
N VAL B 208 19.47 -2.00 11.76
CA VAL B 208 18.74 -1.57 12.91
C VAL B 208 17.59 -0.71 12.39
N ILE B 209 16.41 -0.93 12.91
CA ILE B 209 15.25 -0.15 12.51
C ILE B 209 14.54 0.33 13.75
N ILE B 210 14.19 1.61 13.77
CA ILE B 210 13.47 2.21 14.89
C ILE B 210 12.69 3.43 14.47
N GLU B 211 11.79 3.85 15.34
CA GLU B 211 11.09 5.11 15.19
C GLU B 211 11.90 6.13 16.01
N PRO B 212 12.33 7.21 15.40
CA PRO B 212 13.13 8.21 16.11
C PRO B 212 12.35 9.09 17.06
N ILE B 213 12.87 9.21 18.27
CA ILE B 213 12.27 10.02 19.31
C ILE B 213 10.90 9.53 19.76
N VAL B 214 9.91 9.46 18.88
CA VAL B 214 8.58 9.07 19.29
C VAL B 214 8.19 7.72 18.80
N GLN B 215 7.79 6.80 19.69
CA GLN B 215 7.25 5.48 19.31
C GLN B 215 5.72 5.59 19.37
N GLY B 216 5.09 5.71 18.21
CA GLY B 216 3.66 5.98 18.14
C GLY B 216 2.69 4.89 18.58
N ALA B 217 2.22 4.08 17.61
CA ALA B 217 1.19 3.08 17.88
C ALA B 217 1.59 2.13 18.98
N GLY B 218 2.85 2.05 19.30
CA GLY B 218 3.29 1.16 20.37
C GLY B 218 3.34 1.81 21.75
N GLY B 219 2.77 2.99 21.91
CA GLY B 219 2.69 3.57 23.24
C GLY B 219 2.83 5.07 23.39
N MET B 220 3.01 5.77 22.27
CA MET B 220 3.20 7.21 22.27
C MET B 220 4.31 7.57 23.25
N ARG B 221 5.43 6.85 23.16
CA ARG B 221 6.58 7.07 24.00
C ARG B 221 7.51 8.13 23.44
N MET B 222 8.12 8.92 24.34
CA MET B 222 9.01 9.99 23.95
C MET B 222 10.31 9.81 24.67
N TYR B 223 11.30 9.33 23.94
CA TYR B 223 12.59 9.04 24.50
C TYR B 223 13.69 10.00 24.07
N HIS B 224 14.82 9.88 24.77
CA HIS B 224 15.96 10.78 24.63
C HIS B 224 16.75 10.63 23.34
N PRO B 225 17.07 11.77 22.75
CA PRO B 225 17.82 11.83 21.49
C PRO B 225 19.20 11.22 21.56
N GLU B 226 19.76 11.06 22.74
CA GLU B 226 21.10 10.46 22.88
C GLU B 226 21.05 9.05 22.36
N TRP B 227 19.89 8.41 22.54
CA TRP B 227 19.68 7.07 22.00
C TRP B 227 20.00 7.05 20.50
N LEU B 228 19.49 7.99 19.75
CA LEU B 228 19.81 8.00 18.32
C LEU B 228 21.27 8.23 18.10
N LYS B 229 21.87 9.10 18.90
CA LYS B 229 23.28 9.36 18.77
C LYS B 229 24.08 8.09 18.97
N ARG B 230 23.76 7.37 20.03
CA ARG B 230 24.45 6.14 20.34
C ARG B 230 24.27 5.10 19.22
N ILE B 231 23.04 4.89 18.76
CA ILE B 231 22.73 3.86 17.74
C ILE B 231 23.41 4.13 16.41
N ARG B 232 23.40 5.39 16.01
CA ARG B 232 24.05 5.78 14.78
C ARG B 232 25.56 5.43 14.83
N LYS B 233 26.19 5.61 16.00
CA LYS B 233 27.63 5.30 16.17
C LYS B 233 27.93 3.81 16.15
N ILE B 234 27.23 3.05 16.98
CA ILE B 234 27.39 1.59 16.98
C ILE B 234 27.25 1.04 15.55
N CYS B 235 26.19 1.45 14.85
CA CYS B 235 25.95 1.00 13.47
C CYS B 235 27.11 1.37 12.58
N ASP B 236 27.60 2.59 12.74
CA ASP B 236 28.82 3.04 12.05
C ASP B 236 30.02 2.14 12.37
N ARG B 237 30.25 1.81 13.65
CA ARG B 237 31.39 0.99 14.09
C ARG B 237 31.27 -0.43 13.55
N GLU B 238 30.06 -0.97 13.58
CA GLU B 238 29.83 -2.36 13.19
C GLU B 238 29.57 -2.57 11.71
N GLY B 239 29.38 -1.51 10.95
CA GLY B 239 29.07 -1.65 9.53
C GLY B 239 27.59 -1.96 9.26
N ILE B 240 26.71 -1.77 10.26
CA ILE B 240 25.29 -2.07 10.13
C ILE B 240 24.40 -0.87 9.68
N LEU B 241 23.40 -1.15 8.83
CA LEU B 241 22.53 -0.10 8.29
C LEU B 241 21.54 0.33 9.34
N LEU B 242 21.24 1.62 9.37
CA LEU B 242 20.24 2.12 10.25
C LEU B 242 19.02 2.56 9.41
N ILE B 243 17.84 2.01 9.75
CA ILE B 243 16.60 2.44 9.11
C ILE B 243 15.83 3.34 10.08
N ALA B 244 15.48 4.54 9.67
CA ALA B 244 14.61 5.37 10.52
C ALA B 244 13.19 5.41 9.94
N ASP B 245 12.22 4.95 10.72
CA ASP B 245 10.83 5.02 10.30
C ASP B 245 10.17 6.30 10.83
N GLU B 246 10.09 7.32 9.98
CA GLU B 246 9.47 8.61 10.31
C GLU B 246 8.11 8.76 9.65
N ILE B 247 7.40 7.66 9.44
CA ILE B 247 6.10 7.76 8.80
C ILE B 247 5.15 8.60 9.64
N ALA B 248 5.26 8.49 10.97
CA ALA B 248 4.42 9.25 11.86
C ALA B 248 5.05 10.53 12.35
N THR B 249 6.38 10.57 12.50
CA THR B 249 7.06 11.76 13.01
C THR B 249 7.43 12.80 11.98
N GLY B 250 7.55 12.42 10.72
CA GLY B 250 8.01 13.36 9.72
C GLY B 250 7.13 14.59 9.51
N PHE B 251 7.71 15.60 8.88
CA PHE B 251 7.02 16.85 8.49
C PHE B 251 6.51 17.74 9.63
N GLY B 252 7.40 17.99 10.58
CA GLY B 252 7.20 18.97 11.61
C GLY B 252 6.52 18.50 12.87
N ALA B 253 6.04 17.28 12.90
CA ALA B 253 5.27 16.81 14.04
C ALA B 253 5.96 16.87 15.36
N THR B 254 7.25 16.60 15.44
CA THR B 254 7.89 16.69 16.77
C THR B 254 8.58 18.02 17.05
N GLY B 255 8.30 19.05 16.24
CA GLY B 255 8.90 20.35 16.42
C GLY B 255 10.10 20.58 15.52
N LYS B 256 10.62 19.50 14.96
CA LYS B 256 11.65 19.61 13.94
C LYS B 256 11.11 19.01 12.65
N LEU B 257 11.70 19.37 11.53
CA LEU B 257 11.16 18.92 10.26
C LEU B 257 11.14 17.39 10.27
N PHE B 258 12.21 16.77 10.76
CA PHE B 258 12.27 15.34 10.91
C PHE B 258 12.82 15.00 12.30
N ALA B 259 12.20 14.09 13.00
CA ALA B 259 12.63 13.83 14.37
C ALA B 259 14.10 13.50 14.46
N CYS B 260 14.70 12.96 13.41
CA CYS B 260 16.16 12.71 13.47
C CYS B 260 16.95 14.01 13.77
N GLU B 261 16.41 15.13 13.34
CA GLU B 261 17.07 16.39 13.54
C GLU B 261 17.30 16.58 15.03
N HIS B 262 16.53 15.90 15.89
CA HIS B 262 16.68 16.10 17.36
C HIS B 262 17.98 15.57 17.92
N ALA B 263 18.53 14.59 17.25
CA ALA B 263 19.76 13.99 17.68
C ALA B 263 20.85 14.33 16.69
N GLU B 264 20.53 15.12 15.70
CA GLU B 264 21.54 15.53 14.74
C GLU B 264 22.23 14.38 13.99
N ILE B 265 21.45 13.38 13.59
CA ILE B 265 21.92 12.21 12.83
C ILE B 265 21.13 11.96 11.53
N ALA B 266 21.73 11.18 10.66
CA ALA B 266 21.10 10.77 9.44
C ALA B 266 21.16 9.25 9.37
N PRO B 267 20.06 8.65 8.98
CA PRO B 267 20.00 7.21 8.79
C PRO B 267 20.42 6.87 7.39
N ASP B 268 20.65 5.60 7.11
CA ASP B 268 20.96 5.10 5.76
C ASP B 268 19.67 4.96 4.97
N ILE B 269 18.60 4.64 5.68
CA ILE B 269 17.28 4.51 5.08
C ILE B 269 16.23 5.28 5.89
N LEU B 270 15.40 6.03 5.17
CA LEU B 270 14.35 6.82 5.78
C LEU B 270 12.96 6.55 5.15
N CYS B 271 11.99 6.19 5.99
CA CYS B 271 10.62 5.93 5.51
C CYS B 271 9.72 7.14 5.81
N LEU B 272 9.03 7.63 4.81
CA LEU B 272 8.04 8.71 4.98
C LEU B 272 6.64 8.39 4.37
N GLY B 273 5.60 9.02 4.94
CA GLY B 273 4.24 8.88 4.51
C GLY B 273 3.34 9.88 5.23
N LYS B 274 2.19 9.38 5.67
CA LYS B 274 1.17 10.18 6.32
C LYS B 274 1.16 11.66 5.85
N ALA B 275 1.79 12.56 6.59
CA ALA B 275 1.68 14.00 6.31
C ALA B 275 2.32 14.45 5.00
N LEU B 276 3.09 13.56 4.39
CA LEU B 276 3.61 13.77 3.07
C LEU B 276 2.60 14.40 2.10
N THR B 277 1.35 13.93 2.13
CA THR B 277 0.34 14.46 1.21
C THR B 277 -0.67 15.37 1.86
N GLY B 278 -0.34 15.88 3.03
CA GLY B 278 -1.25 16.74 3.74
C GLY B 278 -2.54 16.02 4.05
N GLY B 279 -2.47 14.71 4.18
CA GLY B 279 -3.64 13.94 4.56
C GLY B 279 -4.81 13.98 3.58
N THR B 280 -4.53 14.04 2.29
CA THR B 280 -5.58 14.03 1.29
C THR B 280 -5.80 12.63 0.72
N MET B 281 -4.74 11.87 0.58
CA MET B 281 -4.82 10.56 -0.02
C MET B 281 -3.51 9.85 0.26
N THR B 282 -3.45 8.54 0.08
CA THR B 282 -2.23 7.79 0.41
C THR B 282 -1.06 7.89 -0.57
N LEU B 283 0.13 7.95 0.01
CA LEU B 283 1.39 8.03 -0.72
C LEU B 283 2.53 7.77 0.27
N SER B 284 3.69 7.28 -0.19
CA SER B 284 4.82 7.05 0.71
C SER B 284 6.11 7.22 -0.03
N ALA B 285 7.21 7.33 0.70
CA ALA B 285 8.51 7.50 0.08
C ALA B 285 9.56 6.87 0.96
N THR B 286 10.53 6.19 0.35
CA THR B 286 11.65 5.64 1.09
C THR B 286 12.94 6.08 0.46
N LEU B 287 13.71 6.83 1.23
CA LEU B 287 14.93 7.40 0.74
C LEU B 287 16.09 6.63 1.27
N THR B 288 17.16 6.57 0.51
CA THR B 288 18.34 5.86 0.99
C THR B 288 19.57 6.56 0.44
N THR B 289 20.73 5.94 0.66
CA THR B 289 21.98 6.53 0.21
C THR B 289 22.37 5.95 -1.13
N ARG B 290 23.27 6.64 -1.80
CA ARG B 290 23.84 6.18 -3.04
C ARG B 290 24.56 4.89 -2.83
N GLU B 291 25.25 4.74 -1.69
CA GLU B 291 26.00 3.51 -1.43
C GLU B 291 25.03 2.33 -1.43
N VAL B 292 23.90 2.52 -0.75
CA VAL B 292 22.91 1.43 -0.69
C VAL B 292 22.24 1.17 -2.06
N ALA B 293 21.74 2.22 -2.68
CA ALA B 293 21.01 2.06 -3.94
C ALA B 293 21.86 1.39 -5.02
N GLU B 294 23.07 1.92 -5.24
CA GLU B 294 24.03 1.35 -6.20
C GLU B 294 24.44 -0.09 -5.87
N THR B 295 24.82 -0.36 -4.65
CA THR B 295 25.20 -1.72 -4.30
C THR B 295 24.07 -2.70 -4.60
N ILE B 296 22.85 -2.33 -4.28
CA ILE B 296 21.75 -3.23 -4.58
C ILE B 296 21.77 -3.47 -6.07
N SER B 297 21.85 -2.40 -6.88
CA SER B 297 21.79 -2.56 -8.34
C SER B 297 22.92 -3.38 -8.99
N ASN B 298 24.02 -3.58 -8.27
CA ASN B 298 25.16 -4.31 -8.80
C ASN B 298 25.20 -5.79 -8.43
N GLY B 299 24.27 -6.23 -7.59
CA GLY B 299 24.17 -7.63 -7.20
C GLY B 299 23.52 -8.52 -8.25
N GLU B 300 23.29 -9.78 -7.87
CA GLU B 300 22.71 -10.81 -8.73
C GLU B 300 21.57 -10.28 -9.55
N ALA B 301 20.66 -9.63 -8.86
CA ALA B 301 19.40 -9.17 -9.43
C ALA B 301 19.50 -8.04 -10.46
N GLY B 302 20.50 -7.18 -10.33
CA GLY B 302 20.68 -6.10 -11.29
C GLY B 302 19.80 -4.89 -11.01
N CYS B 303 19.06 -4.93 -9.90
CA CYS B 303 18.20 -3.81 -9.54
C CYS B 303 17.51 -4.03 -8.20
N PHE B 304 16.71 -3.07 -7.78
CA PHE B 304 15.97 -3.25 -6.55
C PHE B 304 14.62 -3.86 -6.95
N MET B 305 14.35 -5.06 -6.46
CA MET B 305 13.18 -5.80 -6.90
C MET B 305 11.83 -5.38 -6.26
N HIS B 306 11.31 -4.22 -6.68
CA HIS B 306 10.03 -3.74 -6.20
C HIS B 306 9.43 -2.75 -7.14
N GLY B 307 8.12 -2.63 -7.14
CA GLY B 307 7.47 -1.73 -8.07
C GLY B 307 5.96 -1.77 -8.13
N PRO B 308 5.31 -1.03 -7.26
CA PRO B 308 3.85 -1.01 -7.22
C PRO B 308 3.18 -0.35 -8.42
N THR B 309 2.06 -0.97 -8.80
CA THR B 309 1.20 -0.56 -9.88
C THR B 309 1.01 0.92 -9.97
N PHE B 310 0.74 1.56 -8.82
CA PHE B 310 0.50 3.00 -8.82
C PHE B 310 1.74 3.82 -8.37
N MET B 311 2.93 3.25 -8.37
CA MET B 311 4.15 4.01 -8.03
C MET B 311 4.18 5.35 -8.72
N GLY B 312 4.43 6.41 -7.95
CA GLY B 312 4.64 7.72 -8.52
C GLY B 312 3.39 8.49 -8.85
N ASN B 313 2.24 7.92 -8.50
CA ASN B 313 0.96 8.55 -8.79
C ASN B 313 1.04 10.05 -8.80
N PRO B 314 0.80 10.66 -9.96
CA PRO B 314 0.80 12.12 -10.11
C PRO B 314 -0.16 12.89 -9.22
N LEU B 315 -1.38 12.38 -9.01
CA LEU B 315 -2.36 13.10 -8.22
C LEU B 315 -1.81 13.25 -6.82
N ALA B 316 -1.39 12.14 -6.23
CA ALA B 316 -0.88 12.16 -4.86
C ALA B 316 0.42 12.97 -4.75
N CYS B 317 1.29 12.90 -5.75
CA CYS B 317 2.53 13.69 -5.75
C CYS B 317 2.16 15.19 -5.84
N ALA B 318 1.12 15.53 -6.60
CA ALA B 318 0.70 16.94 -6.68
C ALA B 318 0.29 17.41 -5.31
N ALA B 319 -0.53 16.60 -4.67
CA ALA B 319 -1.00 16.94 -3.35
C ALA B 319 0.17 17.17 -2.42
N ALA B 320 1.07 16.21 -2.40
CA ALA B 320 2.23 16.26 -1.57
C ALA B 320 3.04 17.54 -1.84
N ASN B 321 3.21 17.88 -3.11
CA ASN B 321 3.98 19.07 -3.46
C ASN B 321 3.27 20.27 -2.87
N ALA B 322 1.96 20.39 -3.08
CA ALA B 322 1.21 21.49 -2.49
C ALA B 322 1.31 21.48 -0.93
N SER B 323 1.41 20.31 -0.31
CA SER B 323 1.57 20.26 1.14
C SER B 323 2.97 20.74 1.59
N LEU B 324 4.04 20.27 0.93
CA LEU B 324 5.41 20.71 1.25
C LEU B 324 5.59 22.23 1.01
N ALA B 325 4.97 22.76 -0.04
CA ALA B 325 5.11 24.19 -0.35
C ALA B 325 4.51 25.00 0.77
N ILE B 326 3.48 24.48 1.43
CA ILE B 326 2.92 25.20 2.54
C ILE B 326 3.94 25.21 3.66
N LEU B 327 4.64 24.10 3.86
CA LEU B 327 5.66 24.02 4.89
C LEU B 327 6.84 24.90 4.57
N GLU B 328 6.98 25.26 3.30
CA GLU B 328 8.13 26.07 2.90
C GLU B 328 8.11 27.44 3.53
N SER B 329 6.91 27.95 3.78
CA SER B 329 6.79 29.26 4.41
C SER B 329 7.42 29.29 5.79
N GLY B 330 7.67 28.13 6.38
CA GLY B 330 8.26 28.10 7.70
C GLY B 330 7.25 28.36 8.77
N ASP B 331 6.08 28.81 8.38
CA ASP B 331 5.08 29.08 9.36
C ASP B 331 4.81 27.90 10.32
N TRP B 332 5.01 26.67 9.88
CA TRP B 332 4.79 25.50 10.76
C TRP B 332 5.66 25.53 12.03
N GLN B 333 6.89 26.08 11.96
CA GLN B 333 7.78 26.10 13.13
C GLN B 333 7.15 26.89 14.26
N GLN B 334 6.66 28.07 13.94
CA GLN B 334 6.05 28.88 14.97
C GLN B 334 4.71 28.27 15.44
N GLN B 335 3.96 27.70 14.50
CA GLN B 335 2.64 27.10 14.76
C GLN B 335 2.77 25.93 15.72
N VAL B 336 3.68 25.02 15.40
CA VAL B 336 3.95 23.86 16.25
C VAL B 336 4.61 24.32 17.56
N ALA B 337 5.47 25.35 17.52
CA ALA B 337 6.05 25.84 18.77
C ALA B 337 4.92 26.22 19.72
N ASP B 338 3.99 27.05 19.26
CA ASP B 338 2.87 27.49 20.08
C ASP B 338 1.96 26.36 20.55
N ILE B 339 1.66 25.45 19.64
CA ILE B 339 0.85 24.31 19.99
C ILE B 339 1.56 23.51 21.07
N GLU B 340 2.89 23.41 20.99
CA GLU B 340 3.67 22.70 22.01
C GLU B 340 3.44 23.38 23.38
N VAL B 341 3.64 24.69 23.44
CA VAL B 341 3.39 25.46 24.66
C VAL B 341 1.93 25.29 25.14
N GLN B 342 0.94 25.52 24.28
CA GLN B 342 -0.45 25.47 24.72
C GLN B 342 -0.79 24.10 25.28
N LEU B 343 -0.22 23.06 24.69
CA LEU B 343 -0.48 21.70 25.12
C LEU B 343 0.16 21.39 26.47
N ARG B 344 1.38 21.87 26.68
CA ARG B 344 2.08 21.63 27.95
C ARG B 344 1.29 22.29 29.05
N GLU B 345 0.90 23.52 28.76
CA GLU B 345 0.15 24.35 29.66
C GLU B 345 -1.24 23.81 29.99
N GLN B 346 -1.99 23.42 28.99
CA GLN B 346 -3.37 23.00 29.24
C GLN B 346 -3.60 21.52 29.65
N LEU B 347 -2.65 20.63 29.41
CA LEU B 347 -2.77 19.25 29.87
C LEU B 347 -2.09 19.06 31.22
N ALA B 348 -1.27 20.01 31.63
CA ALA B 348 -0.52 19.91 32.89
C ALA B 348 -1.43 19.49 34.03
N PRO B 349 -2.58 20.11 34.13
CA PRO B 349 -3.54 19.79 35.19
C PRO B 349 -4.00 18.34 35.22
N ALA B 350 -3.94 17.66 34.08
CA ALA B 350 -4.35 16.26 34.05
C ALA B 350 -3.39 15.45 34.92
N ARG B 351 -2.21 16.00 35.17
CA ARG B 351 -1.29 15.23 35.99
C ARG B 351 -1.87 14.98 37.37
N ASP B 352 -2.82 15.81 37.79
CA ASP B 352 -3.38 15.72 39.13
C ASP B 352 -4.65 14.86 39.20
N ALA B 353 -5.18 14.48 38.05
CA ALA B 353 -6.37 13.65 37.97
C ALA B 353 -6.03 12.23 38.42
N GLU B 354 -6.97 11.58 39.11
CA GLU B 354 -6.70 10.24 39.64
C GLU B 354 -6.57 9.16 38.54
N MET B 355 -7.30 9.30 37.43
CA MET B 355 -7.24 8.36 36.31
C MET B 355 -5.96 8.48 35.45
N VAL B 356 -5.03 9.37 35.81
CA VAL B 356 -3.87 9.66 34.98
C VAL B 356 -2.56 9.24 35.56
N ALA B 357 -1.74 8.63 34.70
CA ALA B 357 -0.45 8.12 35.04
C ALA B 357 0.71 8.97 34.51
N ASP B 358 0.54 9.58 33.34
CA ASP B 358 1.63 10.37 32.78
C ASP B 358 1.15 11.37 31.74
N VAL B 359 1.73 12.55 31.79
CA VAL B 359 1.43 13.57 30.79
C VAL B 359 2.73 13.92 30.14
N ARG B 360 2.77 13.81 28.81
CA ARG B 360 3.97 14.12 28.07
C ARG B 360 3.57 14.86 26.81
N VAL B 361 4.46 15.69 26.33
CA VAL B 361 4.17 16.51 25.16
C VAL B 361 5.43 16.73 24.33
N LEU B 362 5.29 16.68 23.00
CA LEU B 362 6.37 17.03 22.10
C LEU B 362 5.79 17.57 20.79
N GLY B 363 6.19 18.78 20.43
CA GLY B 363 5.73 19.36 19.19
C GLY B 363 4.21 19.40 19.22
N ALA B 364 3.53 18.93 18.19
CA ALA B 364 2.07 18.96 18.18
C ALA B 364 1.43 17.68 18.75
N ILE B 365 2.22 16.87 19.45
CA ILE B 365 1.75 15.64 20.05
C ILE B 365 1.63 15.82 21.56
N GLY B 366 0.41 15.69 22.06
CA GLY B 366 0.14 15.80 23.49
C GLY B 366 -0.55 14.55 24.00
N VAL B 367 0.04 13.91 25.03
CA VAL B 367 -0.44 12.62 25.54
C VAL B 367 -0.79 12.61 27.03
N VAL B 368 -1.97 12.08 27.33
CA VAL B 368 -2.34 11.81 28.71
C VAL B 368 -2.46 10.28 28.84
N GLU B 369 -1.58 9.64 29.61
CA GLU B 369 -1.62 8.20 29.79
C GLU B 369 -2.32 7.88 31.08
N THR B 370 -3.37 7.09 31.00
CA THR B 370 -4.16 6.75 32.17
C THR B 370 -3.70 5.44 32.83
N THR B 371 -4.23 5.17 34.02
CA THR B 371 -3.89 3.98 34.80
C THR B 371 -4.68 2.73 34.41
N HIS B 372 -5.89 2.91 33.87
CA HIS B 372 -6.72 1.82 33.39
C HIS B 372 -7.10 2.12 31.96
N PRO B 373 -7.60 1.13 31.22
CA PRO B 373 -8.00 1.33 29.83
C PRO B 373 -9.27 2.13 29.73
N VAL B 374 -9.48 2.80 28.61
CA VAL B 374 -10.69 3.58 28.41
C VAL B 374 -11.83 2.74 27.94
N ASN B 375 -13.03 3.23 28.20
CA ASN B 375 -14.25 2.63 27.73
C ASN B 375 -14.51 3.21 26.36
N MET B 376 -14.03 2.51 25.37
CA MET B 376 -14.13 3.03 24.04
C MET B 376 -15.48 3.70 23.76
N ALA B 377 -16.55 2.90 23.63
CA ALA B 377 -17.84 3.44 23.18
C ALA B 377 -18.31 4.63 24.02
N ALA B 378 -18.05 4.58 25.31
CA ALA B 378 -18.56 5.62 26.17
C ALA B 378 -17.80 6.93 26.04
N LEU B 379 -16.48 6.86 25.91
CA LEU B 379 -15.65 8.05 25.80
C LEU B 379 -15.79 8.74 24.45
N GLN B 380 -15.93 7.96 23.39
CA GLN B 380 -16.08 8.52 22.04
C GLN B 380 -17.35 9.35 22.03
N LYS B 381 -18.38 8.81 22.63
CA LYS B 381 -19.67 9.48 22.63
C LYS B 381 -19.56 10.75 23.44
N PHE B 382 -18.85 10.67 24.55
CA PHE B 382 -18.65 11.86 25.35
C PHE B 382 -17.96 12.94 24.53
N PHE B 383 -16.90 12.58 23.82
CA PHE B 383 -16.15 13.56 23.04
C PHE B 383 -17.07 14.20 21.99
N VAL B 384 -17.82 13.37 21.27
CA VAL B 384 -18.70 13.89 20.22
C VAL B 384 -19.70 14.89 20.79
N GLU B 385 -20.17 14.64 22.00
CA GLU B 385 -21.17 15.53 22.62
C GLU B 385 -20.58 16.88 23.02
N GLN B 386 -19.26 16.92 23.17
CA GLN B 386 -18.52 18.16 23.46
C GLN B 386 -18.15 18.85 22.16
N GLY B 387 -18.56 18.28 21.03
CA GLY B 387 -18.26 18.87 19.73
C GLY B 387 -16.81 18.71 19.30
N VAL B 388 -16.18 17.61 19.72
CA VAL B 388 -14.81 17.35 19.38
C VAL B 388 -14.67 15.91 19.01
N TRP B 389 -13.64 15.62 18.23
CA TRP B 389 -13.39 14.26 17.81
C TRP B 389 -12.04 13.85 18.40
N ILE B 390 -12.05 12.98 19.37
CA ILE B 390 -10.82 12.50 19.98
C ILE B 390 -10.93 10.96 20.01
N ARG B 391 -9.90 10.29 19.52
CA ARG B 391 -9.91 8.86 19.32
C ARG B 391 -8.82 8.16 20.14
N PRO B 392 -9.21 7.75 21.33
CA PRO B 392 -8.31 7.11 22.27
C PRO B 392 -8.07 5.64 21.96
N PHE B 393 -7.04 5.06 22.59
CA PHE B 393 -6.77 3.63 22.52
C PHE B 393 -5.94 3.08 23.70
N GLY B 394 -6.41 1.98 24.25
CA GLY B 394 -5.77 1.38 25.40
C GLY B 394 -5.83 2.41 26.52
N LYS B 395 -4.67 2.68 27.08
CA LYS B 395 -4.56 3.63 28.12
C LYS B 395 -4.06 4.99 27.62
N LEU B 396 -4.38 5.34 26.37
CA LEU B 396 -3.87 6.56 25.79
C LEU B 396 -4.89 7.50 25.20
N ILE B 397 -4.95 8.69 25.78
CA ILE B 397 -5.78 9.76 25.28
C ILE B 397 -4.79 10.80 24.75
N TYR B 398 -4.66 10.94 23.43
CA TYR B 398 -3.70 11.86 22.88
C TYR B 398 -4.33 12.78 21.86
N LEU B 399 -3.67 13.90 21.61
CA LEU B 399 -4.08 14.85 20.58
C LEU B 399 -2.91 15.05 19.69
N MET B 400 -3.20 15.28 18.42
CA MET B 400 -2.20 15.62 17.41
C MET B 400 -2.99 16.37 16.33
N PRO B 401 -3.33 17.63 16.62
CA PRO B 401 -4.18 18.44 15.75
C PRO B 401 -3.48 19.02 14.55
N PRO B 402 -4.22 19.59 13.61
CA PRO B 402 -3.59 20.23 12.46
C PRO B 402 -2.83 21.46 12.94
N TYR B 403 -1.73 21.77 12.27
CA TYR B 403 -0.90 22.90 12.65
C TYR B 403 -1.63 24.21 12.56
N ILE B 404 -2.70 24.28 11.77
CA ILE B 404 -3.46 25.54 11.62
C ILE B 404 -4.55 25.78 12.66
N ILE B 405 -4.63 24.93 13.67
CA ILE B 405 -5.67 25.09 14.67
C ILE B 405 -5.57 26.41 15.47
N LEU B 406 -6.72 27.04 15.67
CA LEU B 406 -6.80 28.28 16.45
C LEU B 406 -6.65 27.97 17.96
N PRO B 407 -6.08 28.89 18.73
CA PRO B 407 -5.99 28.68 20.17
C PRO B 407 -7.36 28.27 20.78
N GLN B 408 -8.48 28.78 20.28
CA GLN B 408 -9.81 28.43 20.84
C GLN B 408 -10.24 27.02 20.55
N GLN B 409 -9.89 26.56 19.36
CA GLN B 409 -10.24 25.21 19.01
C GLN B 409 -9.41 24.27 19.85
N LEU B 410 -8.12 24.57 19.98
CA LEU B 410 -7.21 23.73 20.75
C LEU B 410 -7.69 23.64 22.19
N GLN B 411 -8.08 24.78 22.75
CA GLN B 411 -8.56 24.83 24.13
C GLN B 411 -9.82 23.97 24.28
N ARG B 412 -10.69 23.96 23.28
CA ARG B 412 -11.83 23.08 23.43
C ARG B 412 -11.36 21.66 23.52
N LEU B 413 -10.28 21.33 22.81
CA LEU B 413 -9.76 19.97 22.83
C LEU B 413 -9.17 19.64 24.18
N THR B 414 -8.35 20.54 24.72
CA THR B 414 -7.70 20.27 26.02
C THR B 414 -8.70 20.23 27.14
N ALA B 415 -9.66 21.14 27.09
CA ALA B 415 -10.78 21.13 28.08
C ALA B 415 -11.47 19.75 28.10
N ALA B 416 -11.79 19.21 26.93
CA ALA B 416 -12.45 17.89 26.84
C ALA B 416 -11.60 16.78 27.45
N VAL B 417 -10.29 16.79 27.15
CA VAL B 417 -9.42 15.76 27.68
C VAL B 417 -9.39 15.80 29.21
N ASN B 418 -9.24 16.99 29.78
CA ASN B 418 -9.11 17.12 31.23
C ASN B 418 -10.41 16.75 31.91
N ARG B 419 -11.50 16.98 31.21
CA ARG B 419 -12.82 16.67 31.74
C ARG B 419 -13.00 15.14 31.73
N ALA B 420 -12.47 14.50 30.70
CA ALA B 420 -12.67 13.06 30.52
C ALA B 420 -11.99 12.24 31.60
N VAL B 421 -10.83 12.68 32.04
CA VAL B 421 -10.10 11.88 33.03
C VAL B 421 -10.35 12.32 34.47
N GLN B 422 -11.37 13.17 34.63
CA GLN B 422 -11.72 13.77 35.92
C GLN B 422 -12.32 12.73 36.89
N ASP B 423 -12.90 11.64 36.34
CA ASP B 423 -13.40 10.46 37.12
C ASP B 423 -13.39 9.15 36.30
N GLU B 424 -13.89 8.04 36.88
CA GLU B 424 -13.83 6.73 36.19
C GLU B 424 -15.00 6.44 35.27
N THR B 425 -15.91 7.39 35.14
CA THR B 425 -17.07 7.23 34.26
C THR B 425 -16.70 6.53 32.97
N PHE B 426 -15.70 7.08 32.29
CA PHE B 426 -15.34 6.57 30.97
C PHE B 426 -14.19 5.56 30.97
N PHE B 427 -14.09 4.73 32.00
CA PHE B 427 -12.98 3.79 32.06
C PHE B 427 -13.24 2.27 32.21
N CYS B 428 -12.29 1.50 31.65
CA CYS B 428 -12.25 0.03 31.65
C CYS B 428 -12.90 -0.60 30.42
NA NA C . -21.14 -10.76 -3.32
N1 PLP D . -1.65 -9.41 -7.76
C2 PLP D . -1.71 -9.47 -9.09
C2A PLP D . -2.37 -10.67 -9.70
C3 PLP D . -1.09 -8.39 -9.91
O3 PLP D . -1.11 -8.47 -11.16
C4 PLP D . -0.45 -7.25 -9.19
C4A PLP D . 0.24 -6.10 -9.85
O4A PLP D . 0.24 -6.01 -11.07
C5 PLP D . -0.48 -7.34 -7.73
C6 PLP D . -1.09 -8.42 -7.10
C5A PLP D . 0.13 -6.26 -6.88
O4P PLP D . -0.40 -4.98 -7.15
P PLP D . 0.47 -3.73 -6.66
O1P PLP D . 0.80 -3.89 -5.17
O2P PLP D . -0.37 -2.49 -6.82
O3P PLP D . 1.67 -3.87 -7.47
NA NA E . 18.40 14.82 1.28
N1 PLP F . 5.19 3.18 10.55
C2 PLP F . 4.78 4.04 11.51
C2A PLP F . 5.80 4.61 12.48
C3 PLP F . 3.35 4.40 11.61
O3 PLP F . 2.91 5.20 12.46
C4 PLP F . 2.44 3.78 10.61
C4A PLP F . 0.99 4.06 10.60
O4A PLP F . 0.56 4.94 11.34
C5 PLP F . 3.05 2.85 9.66
C6 PLP F . 4.42 2.60 9.66
C5A PLP F . 2.19 2.18 8.64
O4P PLP F . 1.32 3.10 7.99
P PLP F . 0.07 2.44 7.23
O1P PLP F . 0.58 1.34 6.30
O2P PLP F . -0.45 3.58 6.41
O3P PLP F . -0.77 1.75 8.27
C1 IPA G . 4.42 -3.86 -11.32
C2 IPA G . 3.27 -4.86 -11.25
C3 IPA G . 1.99 -4.05 -11.47
O2 IPA G . 3.44 -5.82 -12.32
#